data_7BMM
#
_entry.id   7BMM
#
_cell.length_a   88.925
_cell.length_b   78.605
_cell.length_c   111.451
_cell.angle_alpha   90.000
_cell.angle_beta   109.207
_cell.angle_gamma   90.000
#
_symmetry.space_group_name_H-M   'P 1 21 1'
#
loop_
_entity.id
_entity.type
_entity.pdbx_description
1 polymer 'PPK2 domain-containing protein'
2 non-polymer 'PHOSPHATE ION'
3 non-polymer GLYCEROL
4 water water
#
_entity_poly.entity_id   1
_entity_poly.type   'polypeptide(L)'
_entity_poly.pdbx_seq_one_letter_code
;MDIDNYRVKPGKRVKLSDWATNDDAGLSKEEGQAQTAKLAGELAEWQERLYAEGKQSLLLILQARDAAGKDGAVKKVIGA
FNPAGVQITSFKQPSAEELSHDFLWRIHQKAPAKGYVGVFNRSQYEDVLVTRVYDMIDDKTAKRRLEHIRHFEELLTDNA
TRIVKVYLHISPEEQKERLQARLDNPGKHWKFNPGDLKDRSNWDKFNDVYEDALTTSTDDAPWYVVPADRKWYRDLVLSH
ILLGALKDMNPQFPAIDYDPSKVVIH
;
_entity_poly.pdbx_strand_id   A,B,C,D
#
# COMPACT_ATOMS: atom_id res chain seq x y z
N MET A 1 -9.59 33.55 -25.61
CA MET A 1 -10.66 33.42 -24.57
C MET A 1 -11.36 32.05 -24.68
N ASP A 2 -11.69 31.65 -25.91
CA ASP A 2 -12.12 30.28 -26.18
C ASP A 2 -11.15 29.30 -25.53
N ILE A 3 -11.66 28.43 -24.66
CA ILE A 3 -10.75 27.60 -23.87
C ILE A 3 -9.89 26.74 -24.79
N ASP A 4 -10.38 26.43 -25.99
CA ASP A 4 -9.59 25.62 -26.90
C ASP A 4 -8.37 26.36 -27.43
N ASN A 5 -8.39 27.70 -27.39
CA ASN A 5 -7.18 28.45 -27.65
C ASN A 5 -6.09 28.13 -26.63
N TYR A 6 -6.47 27.64 -25.46
CA TYR A 6 -5.54 27.29 -24.40
C TYR A 6 -5.01 25.87 -24.50
N ARG A 7 -5.51 25.08 -25.45
CA ARG A 7 -5.08 23.69 -25.57
C ARG A 7 -3.84 23.60 -26.46
N VAL A 8 -2.82 22.90 -25.96
CA VAL A 8 -1.60 22.66 -26.73
C VAL A 8 -1.93 21.65 -27.82
N LYS A 9 -1.93 22.10 -29.07
CA LYS A 9 -2.31 21.22 -30.17
C LYS A 9 -1.26 20.12 -30.37
N PRO A 10 -1.68 18.94 -30.79
CA PRO A 10 -0.73 17.83 -30.94
C PRO A 10 0.32 18.11 -32.01
N GLY A 11 1.56 17.70 -31.71
CA GLY A 11 2.61 17.66 -32.70
C GLY A 11 3.26 18.98 -33.06
N LYS A 12 2.92 20.06 -32.36
CA LYS A 12 3.49 21.37 -32.65
C LYS A 12 4.16 21.91 -31.39
N ARG A 13 5.46 22.14 -31.47
CA ARG A 13 6.17 22.78 -30.37
C ARG A 13 5.56 24.14 -30.09
N VAL A 14 5.50 24.49 -28.80
CA VAL A 14 4.94 25.76 -28.37
C VAL A 14 5.99 26.49 -27.53
N LYS A 15 5.79 27.80 -27.41
CA LYS A 15 6.51 28.62 -26.44
C LYS A 15 5.48 29.23 -25.51
N LEU A 16 5.68 29.06 -24.20
CA LEU A 16 4.75 29.63 -23.24
C LEU A 16 4.57 31.13 -23.46
N SER A 17 5.62 31.79 -23.95
CA SER A 17 5.56 33.24 -24.14
C SER A 17 4.45 33.66 -25.09
N ASP A 18 3.95 32.74 -25.93
CA ASP A 18 2.90 33.11 -26.89
C ASP A 18 1.56 33.36 -26.22
N TRP A 19 1.34 32.80 -25.03
CA TRP A 19 0.09 33.01 -24.30
C TRP A 19 0.23 34.20 -23.35
N ALA A 20 -0.78 35.06 -23.34
CA ALA A 20 -0.87 36.06 -22.29
C ALA A 20 -1.20 35.38 -20.97
N THR A 21 -0.82 36.03 -19.88
CA THR A 21 -1.02 35.50 -18.55
C THR A 21 -2.24 36.08 -17.86
N ASN A 22 -2.82 37.14 -18.38
CA ASN A 22 -3.85 37.90 -17.67
C ASN A 22 -5.13 38.03 -18.51
N ASP A 23 -5.50 36.97 -19.22
CA ASP A 23 -6.76 37.01 -19.96
C ASP A 23 -7.94 37.21 -19.01
N ASP A 24 -9.04 37.71 -19.57
CA ASP A 24 -10.28 37.84 -18.83
C ASP A 24 -11.52 37.56 -19.67
N ALA A 25 -11.36 37.27 -20.96
CA ALA A 25 -12.47 36.89 -21.84
C ALA A 25 -13.55 37.97 -21.90
N GLY A 26 -13.22 39.20 -21.53
CA GLY A 26 -14.20 40.27 -21.55
C GLY A 26 -15.10 40.32 -20.34
N LEU A 27 -14.70 39.67 -19.24
CA LEU A 27 -15.51 39.59 -18.04
C LEU A 27 -14.85 40.38 -16.91
N SER A 28 -15.69 40.93 -16.05
CA SER A 28 -15.21 41.50 -14.80
C SER A 28 -15.03 40.39 -13.76
N LYS A 29 -14.36 40.72 -12.67
CA LYS A 29 -14.18 39.75 -11.60
C LYS A 29 -15.53 39.28 -11.06
N GLU A 30 -16.50 40.19 -10.95
CA GLU A 30 -17.79 39.83 -10.39
C GLU A 30 -18.57 38.89 -11.31
N GLU A 31 -18.70 39.27 -12.58
CA GLU A 31 -19.41 38.42 -13.52
C GLU A 31 -18.73 37.06 -13.66
N GLY A 32 -17.39 37.05 -13.68
CA GLY A 32 -16.69 35.79 -13.75
C GLY A 32 -16.93 34.92 -12.54
N GLN A 33 -16.75 35.49 -11.34
CA GLN A 33 -17.02 34.75 -10.12
C GLN A 33 -18.45 34.21 -10.11
N ALA A 34 -19.38 34.98 -10.67
CA ALA A 34 -20.78 34.55 -10.69
C ALA A 34 -20.96 33.31 -11.55
N GLN A 35 -20.32 33.28 -12.72
CA GLN A 35 -20.45 32.11 -13.59
C GLN A 35 -19.68 30.92 -13.03
N THR A 36 -18.55 31.16 -12.36
CA THR A 36 -17.82 30.06 -11.72
C THR A 36 -18.70 29.40 -10.66
N ALA A 37 -19.32 30.20 -9.80
CA ALA A 37 -20.19 29.65 -8.78
C ALA A 37 -21.36 28.88 -9.40
N LYS A 38 -21.75 29.24 -10.61
CA LYS A 38 -22.84 28.54 -11.27
C LYS A 38 -22.38 27.20 -11.85
N LEU A 39 -21.19 27.17 -12.45
CA LEU A 39 -20.65 25.91 -12.96
C LEU A 39 -20.40 24.91 -11.83
N ALA A 40 -20.15 25.40 -10.62
CA ALA A 40 -19.87 24.50 -9.50
C ALA A 40 -21.04 23.54 -9.27
N GLY A 41 -22.27 24.02 -9.47
CA GLY A 41 -23.42 23.13 -9.37
C GLY A 41 -23.39 22.04 -10.42
N GLU A 42 -23.04 22.40 -11.66
CA GLU A 42 -22.94 21.40 -12.72
C GLU A 42 -21.82 20.41 -12.44
N LEU A 43 -20.68 20.91 -11.98
CA LEU A 43 -19.58 20.02 -11.62
C LEU A 43 -20.03 19.00 -10.57
N ALA A 44 -20.88 19.43 -9.63
CA ALA A 44 -21.33 18.53 -8.59
C ALA A 44 -22.25 17.45 -9.15
N GLU A 45 -23.18 17.83 -10.04
CA GLU A 45 -24.13 16.86 -10.58
C GLU A 45 -23.41 15.81 -11.41
N TRP A 46 -22.52 16.23 -12.30
CA TRP A 46 -21.86 15.28 -13.18
C TRP A 46 -20.86 14.41 -12.42
N GLN A 47 -20.21 14.97 -11.40
CA GLN A 47 -19.33 14.16 -10.57
C GLN A 47 -20.13 13.09 -9.83
N GLU A 48 -21.35 13.41 -9.41
CA GLU A 48 -22.18 12.41 -8.77
C GLU A 48 -22.56 11.31 -9.76
N ARG A 49 -22.84 11.68 -11.01
CA ARG A 49 -23.14 10.68 -12.02
C ARG A 49 -21.92 9.80 -12.30
N LEU A 50 -20.74 10.42 -12.39
CA LEU A 50 -19.51 9.65 -12.57
C LEU A 50 -19.33 8.62 -11.46
N TYR A 51 -19.64 9.01 -10.23
CA TYR A 51 -19.45 8.11 -9.09
C TYR A 51 -20.52 7.04 -9.05
N ALA A 52 -21.76 7.38 -9.41
CA ALA A 52 -22.81 6.39 -9.46
C ALA A 52 -22.56 5.38 -10.57
N GLU A 53 -22.12 5.84 -11.73
CA GLU A 53 -21.89 4.93 -12.85
C GLU A 53 -20.79 3.93 -12.53
N GLY A 54 -19.69 4.39 -11.95
CA GLY A 54 -18.62 3.49 -11.56
C GLY A 54 -17.90 2.83 -12.71
N LYS A 55 -17.90 3.44 -13.89
CA LYS A 55 -17.23 2.87 -15.05
C LYS A 55 -16.04 3.69 -15.54
N GLN A 56 -16.03 4.99 -15.31
CA GLN A 56 -14.98 5.89 -15.79
C GLN A 56 -14.33 6.60 -14.62
N SER A 57 -13.30 7.38 -14.92
CA SER A 57 -12.61 8.19 -13.93
C SER A 57 -12.02 9.41 -14.61
N LEU A 58 -11.67 10.41 -13.81
CA LEU A 58 -11.13 11.65 -14.31
C LEU A 58 -9.84 11.98 -13.57
N LEU A 59 -8.77 12.22 -14.32
CA LEU A 59 -7.46 12.51 -13.76
C LEU A 59 -7.04 13.90 -14.19
N LEU A 60 -6.98 14.82 -13.23
CA LEU A 60 -6.46 16.16 -13.44
C LEU A 60 -5.01 16.21 -12.98
N ILE A 61 -4.14 16.73 -13.83
CA ILE A 61 -2.73 16.89 -13.52
C ILE A 61 -2.44 18.38 -13.46
N LEU A 62 -2.02 18.85 -12.29
CA LEU A 62 -1.74 20.27 -12.06
C LEU A 62 -0.24 20.49 -11.99
N GLN A 63 0.28 21.34 -12.87
CA GLN A 63 1.66 21.78 -12.81
C GLN A 63 1.68 23.30 -12.87
N ALA A 64 2.49 23.91 -12.02
CA ALA A 64 2.60 25.37 -12.02
C ALA A 64 3.76 25.76 -11.12
N ARG A 65 4.19 27.00 -11.27
CA ARG A 65 5.29 27.53 -10.49
C ARG A 65 4.77 28.07 -9.17
N ASP A 66 5.70 28.42 -8.28
CA ASP A 66 5.32 28.84 -6.94
C ASP A 66 4.37 30.03 -6.99
N ALA A 67 3.37 30.01 -6.12
CA ALA A 67 2.39 31.08 -5.99
C ALA A 67 1.52 31.25 -7.23
N ALA A 68 1.50 30.27 -8.13
CA ALA A 68 0.70 30.36 -9.34
C ALA A 68 -0.77 30.04 -9.10
N GLY A 69 -1.09 29.30 -8.05
CA GLY A 69 -2.47 29.10 -7.64
C GLY A 69 -2.99 27.68 -7.71
N LYS A 70 -2.11 26.68 -7.58
CA LYS A 70 -2.57 25.30 -7.59
C LYS A 70 -3.46 25.01 -6.39
N ASP A 71 -2.99 25.37 -5.19
CA ASP A 71 -3.79 25.09 -4.00
C ASP A 71 -5.11 25.82 -4.02
N GLY A 72 -5.12 27.07 -4.51
CA GLY A 72 -6.37 27.81 -4.60
C GLY A 72 -7.31 27.22 -5.64
N ALA A 73 -6.76 26.74 -6.76
CA ALA A 73 -7.58 26.09 -7.78
C ALA A 73 -8.26 24.85 -7.22
N VAL A 74 -7.53 24.07 -6.42
CA VAL A 74 -8.11 22.88 -5.81
C VAL A 74 -9.20 23.28 -4.81
N LYS A 75 -8.93 24.29 -3.98
CA LYS A 75 -9.89 24.64 -2.94
C LYS A 75 -11.20 25.12 -3.54
N LYS A 76 -11.14 25.97 -4.57
CA LYS A 76 -12.36 26.52 -5.15
C LYS A 76 -12.99 25.56 -6.14
N VAL A 77 -12.23 25.12 -7.15
CA VAL A 77 -12.81 24.34 -8.25
C VAL A 77 -13.08 22.91 -7.80
N ILE A 78 -12.05 22.19 -7.36
CA ILE A 78 -12.23 20.81 -6.95
C ILE A 78 -13.14 20.72 -5.73
N GLY A 79 -13.26 21.80 -4.96
CA GLY A 79 -14.14 21.82 -3.81
C GLY A 79 -15.62 21.73 -4.15
N ALA A 80 -15.97 21.94 -5.42
CA ALA A 80 -17.36 21.78 -5.85
C ALA A 80 -17.77 20.32 -5.88
N PHE A 81 -16.82 19.40 -5.98
CA PHE A 81 -17.12 17.99 -6.01
C PHE A 81 -17.45 17.48 -4.61
N ASN A 82 -18.16 16.37 -4.57
CA ASN A 82 -18.36 15.66 -3.30
C ASN A 82 -17.03 15.04 -2.89
N PRO A 83 -16.46 15.42 -1.74
CA PRO A 83 -15.11 14.95 -1.41
C PRO A 83 -15.00 13.43 -1.35
N ALA A 84 -16.11 12.70 -1.26
CA ALA A 84 -16.07 11.25 -1.21
C ALA A 84 -15.77 10.62 -2.56
N GLY A 85 -15.81 11.38 -3.64
CA GLY A 85 -15.52 10.86 -4.96
C GLY A 85 -14.33 11.52 -5.59
N VAL A 86 -13.41 12.01 -4.76
CA VAL A 86 -12.23 12.74 -5.23
C VAL A 86 -11.03 12.29 -4.43
N GLN A 87 -9.88 12.18 -5.10
CA GLN A 87 -8.61 11.87 -4.45
C GLN A 87 -7.58 12.87 -4.93
N ILE A 88 -6.99 13.62 -3.99
CA ILE A 88 -5.97 14.61 -4.30
C ILE A 88 -4.65 14.10 -3.71
N THR A 89 -3.61 14.09 -4.55
CA THR A 89 -2.27 13.69 -4.13
C THR A 89 -1.29 14.78 -4.54
N SER A 90 -0.58 15.34 -3.55
CA SER A 90 0.48 16.31 -3.79
C SER A 90 1.79 15.55 -3.69
N PHE A 91 2.37 15.19 -4.84
CA PHE A 91 3.57 14.36 -4.85
C PHE A 91 4.76 15.18 -4.36
N LYS A 92 5.27 14.79 -3.19
CA LYS A 92 6.39 15.49 -2.57
C LYS A 92 7.70 14.98 -3.17
N GLN A 93 8.81 15.35 -2.55
CA GLN A 93 10.10 14.80 -2.95
C GLN A 93 10.08 13.29 -2.77
N PRO A 94 10.61 12.51 -3.73
CA PRO A 94 10.61 11.06 -3.57
C PRO A 94 11.30 10.64 -2.28
N SER A 95 10.62 9.78 -1.52
CA SER A 95 11.24 9.20 -0.34
C SER A 95 12.30 8.18 -0.78
N ALA A 96 12.89 7.49 0.20
CA ALA A 96 13.88 6.48 -0.11
C ALA A 96 13.23 5.28 -0.80
N GLU A 97 12.13 4.77 -0.24
CA GLU A 97 11.48 3.61 -0.84
C GLU A 97 11.04 3.91 -2.27
N GLU A 98 10.48 5.10 -2.49
CA GLU A 98 10.04 5.48 -3.83
C GLU A 98 11.22 5.54 -4.79
N LEU A 99 12.35 6.11 -4.34
CA LEU A 99 13.53 6.17 -5.19
C LEU A 99 14.07 4.79 -5.53
N SER A 100 13.79 3.78 -4.72
CA SER A 100 14.23 2.43 -5.05
C SER A 100 13.39 1.78 -6.13
N HIS A 101 12.45 2.53 -6.72
CA HIS A 101 11.60 2.04 -7.80
C HIS A 101 11.67 2.99 -8.99
N ASP A 102 11.14 2.54 -10.13
CA ASP A 102 11.00 3.41 -11.29
C ASP A 102 10.15 4.62 -10.92
N PHE A 103 10.33 5.71 -11.68
CA PHE A 103 9.74 6.98 -11.28
C PHE A 103 8.21 6.99 -11.42
N LEU A 104 7.63 6.03 -12.12
CA LEU A 104 6.18 5.95 -12.26
C LEU A 104 5.54 5.03 -11.24
N TRP A 105 6.35 4.34 -10.42
CA TRP A 105 5.81 3.39 -9.45
C TRP A 105 4.85 4.07 -8.49
N ARG A 106 5.31 5.16 -7.85
CA ARG A 106 4.46 5.87 -6.90
C ARG A 106 3.33 6.62 -7.58
N ILE A 107 3.55 7.08 -8.82
CA ILE A 107 2.49 7.75 -9.56
C ILE A 107 1.37 6.78 -9.89
N HIS A 108 1.72 5.61 -10.44
CA HIS A 108 0.71 4.64 -10.85
C HIS A 108 -0.16 4.22 -9.68
N GLN A 109 0.43 4.11 -8.48
CA GLN A 109 -0.32 3.65 -7.32
C GLN A 109 -1.48 4.58 -6.97
N LYS A 110 -1.40 5.85 -7.37
CA LYS A 110 -2.46 6.82 -7.09
C LYS A 110 -3.39 7.02 -8.29
N ALA A 111 -3.27 6.21 -9.32
CA ALA A 111 -4.20 6.30 -10.44
C ALA A 111 -5.63 6.14 -9.92
N PRO A 112 -6.57 6.96 -10.38
CA PRO A 112 -7.92 6.92 -9.80
C PRO A 112 -8.64 5.64 -10.19
N ALA A 113 -9.43 5.12 -9.26
CA ALA A 113 -10.26 3.97 -9.52
C ALA A 113 -11.54 4.39 -10.23
N LYS A 114 -12.21 3.41 -10.85
CA LYS A 114 -13.45 3.68 -11.57
C LYS A 114 -14.39 4.50 -10.72
N GLY A 115 -14.98 5.54 -11.33
CA GLY A 115 -15.93 6.39 -10.66
C GLY A 115 -15.34 7.55 -9.89
N TYR A 116 -14.02 7.72 -9.90
CA TYR A 116 -13.36 8.70 -9.06
C TYR A 116 -12.73 9.81 -9.89
N VAL A 117 -12.55 10.96 -9.24
CA VAL A 117 -11.81 12.08 -9.79
C VAL A 117 -10.48 12.15 -9.05
N GLY A 118 -9.38 12.08 -9.79
CA GLY A 118 -8.04 12.13 -9.22
C GLY A 118 -7.36 13.42 -9.62
N VAL A 119 -6.60 14.00 -8.68
CA VAL A 119 -5.88 15.24 -8.90
C VAL A 119 -4.44 15.05 -8.46
N PHE A 120 -3.50 15.36 -9.37
CA PHE A 120 -2.07 15.26 -9.11
C PHE A 120 -1.50 16.68 -9.01
N ASN A 121 -1.45 17.20 -7.79
CA ASN A 121 -0.83 18.50 -7.52
C ASN A 121 0.67 18.29 -7.49
N ARG A 122 1.33 18.57 -8.61
CA ARG A 122 2.66 18.03 -8.92
C ARG A 122 2.48 16.56 -9.24
N SER A 123 3.15 16.07 -10.26
CA SER A 123 2.79 14.79 -10.86
C SER A 123 4.04 14.12 -11.44
N GLN A 124 3.81 13.17 -12.35
CA GLN A 124 4.92 12.47 -12.99
C GLN A 124 5.83 13.41 -13.76
N TYR A 125 5.34 14.58 -14.17
CA TYR A 125 6.17 15.51 -14.94
C TYR A 125 7.24 16.15 -14.07
N GLU A 126 7.06 16.18 -12.75
CA GLU A 126 8.11 16.66 -11.86
C GLU A 126 9.43 15.94 -12.15
N ASP A 127 9.35 14.71 -12.62
CA ASP A 127 10.52 13.88 -12.89
C ASP A 127 11.18 14.20 -14.22
N VAL A 128 10.68 15.20 -14.96
CA VAL A 128 11.35 15.68 -16.16
C VAL A 128 11.37 17.21 -16.15
N LEU A 129 11.21 17.81 -14.97
CA LEU A 129 11.24 19.26 -14.84
C LEU A 129 12.35 19.67 -13.88
N VAL A 130 12.09 19.56 -12.58
CA VAL A 130 13.08 19.95 -11.58
C VAL A 130 14.32 19.07 -11.70
N THR A 131 14.16 17.81 -12.12
CA THR A 131 15.30 16.92 -12.28
C THR A 131 16.24 17.38 -13.39
N ARG A 132 15.72 18.11 -14.39
CA ARG A 132 16.55 18.59 -15.48
C ARG A 132 17.18 19.94 -15.18
N VAL A 133 16.42 20.86 -14.57
CA VAL A 133 16.93 22.21 -14.30
C VAL A 133 18.16 22.15 -13.40
N TYR A 134 18.22 21.15 -12.52
CA TYR A 134 19.31 21.03 -11.56
C TYR A 134 20.21 19.83 -11.88
N ASP A 135 20.24 19.43 -13.15
CA ASP A 135 21.20 18.44 -13.66
C ASP A 135 21.18 17.16 -12.83
N MET A 136 19.98 16.73 -12.44
CA MET A 136 19.84 15.41 -11.83
C MET A 136 19.73 14.32 -12.88
N ILE A 137 19.28 14.65 -14.09
CA ILE A 137 19.25 13.71 -15.20
C ILE A 137 19.63 14.46 -16.48
N ASP A 138 20.13 13.70 -17.45
CA ASP A 138 20.57 14.26 -18.72
C ASP A 138 19.40 14.29 -19.71
N ASP A 139 19.65 14.87 -20.89
CA ASP A 139 18.61 14.97 -21.90
C ASP A 139 18.19 13.60 -22.39
N LYS A 140 19.14 12.69 -22.59
CA LYS A 140 18.80 11.35 -23.03
C LYS A 140 17.78 10.71 -22.09
N THR A 141 18.06 10.75 -20.78
CA THR A 141 17.11 10.23 -19.80
C THR A 141 15.82 11.05 -19.81
N ALA A 142 15.92 12.37 -19.90
CA ALA A 142 14.73 13.21 -19.91
C ALA A 142 13.83 12.88 -21.09
N LYS A 143 14.44 12.68 -22.27
CA LYS A 143 13.67 12.35 -23.46
C LYS A 143 12.95 11.02 -23.30
N ARG A 144 13.66 10.00 -22.79
CA ARG A 144 13.08 8.67 -22.65
C ARG A 144 11.96 8.66 -21.61
N ARG A 145 12.10 9.44 -20.54
CA ARG A 145 11.05 9.49 -19.52
C ARG A 145 9.77 10.10 -20.08
N LEU A 146 9.88 11.10 -20.97
CA LEU A 146 8.70 11.67 -21.59
C LEU A 146 7.95 10.62 -22.39
N GLU A 147 8.68 9.71 -23.04
CA GLU A 147 8.04 8.60 -23.73
C GLU A 147 7.35 7.68 -22.76
N HIS A 148 7.99 7.37 -21.63
CA HIS A 148 7.38 6.49 -20.65
C HIS A 148 6.10 7.11 -20.08
N ILE A 149 6.07 8.44 -19.97
CA ILE A 149 4.87 9.11 -19.48
C ILE A 149 3.74 9.00 -20.49
N ARG A 150 4.06 9.14 -21.79
CA ARG A 150 3.05 8.97 -22.83
C ARG A 150 2.43 7.58 -22.76
N HIS A 151 3.27 6.53 -22.76
CA HIS A 151 2.76 5.17 -22.68
C HIS A 151 1.92 4.97 -21.42
N PHE A 152 2.35 5.56 -20.31
CA PHE A 152 1.59 5.48 -19.06
C PHE A 152 0.22 6.12 -19.22
N GLU A 153 0.18 7.34 -19.78
CA GLU A 153 -1.09 8.01 -19.99
C GLU A 153 -1.95 7.28 -21.01
N GLU A 154 -1.33 6.61 -21.98
CA GLU A 154 -2.09 5.78 -22.91
C GLU A 154 -2.72 4.60 -22.18
N LEU A 155 -1.99 4.00 -21.24
CA LEU A 155 -2.54 2.91 -20.44
C LEU A 155 -3.80 3.37 -19.71
N LEU A 156 -3.72 4.50 -19.00
CA LEU A 156 -4.86 4.99 -18.25
C LEU A 156 -5.99 5.40 -19.19
N THR A 157 -5.66 5.96 -20.35
CA THR A 157 -6.71 6.36 -21.29
C THR A 157 -7.51 5.15 -21.76
N ASP A 158 -6.82 4.05 -22.08
CA ASP A 158 -7.53 2.82 -22.43
C ASP A 158 -8.28 2.22 -21.25
N ASN A 159 -8.00 2.68 -20.02
CA ASN A 159 -8.70 2.24 -18.83
C ASN A 159 -9.94 3.08 -18.52
N ALA A 160 -10.33 3.97 -19.43
CA ALA A 160 -11.45 4.88 -19.25
C ALA A 160 -11.13 6.02 -18.29
N THR A 161 -9.84 6.27 -18.06
CA THR A 161 -9.39 7.40 -17.25
C THR A 161 -9.13 8.59 -18.17
N ARG A 162 -10.01 9.58 -18.13
CA ARG A 162 -9.88 10.77 -18.97
C ARG A 162 -8.79 11.66 -18.37
N ILE A 163 -7.70 11.82 -19.10
CA ILE A 163 -6.56 12.60 -18.61
C ILE A 163 -6.70 14.04 -19.07
N VAL A 164 -6.46 14.96 -18.15
CA VAL A 164 -6.45 16.40 -18.43
C VAL A 164 -5.28 17.00 -17.67
N LYS A 165 -4.35 17.63 -18.38
CA LYS A 165 -3.18 18.24 -17.79
C LYS A 165 -3.28 19.76 -17.93
N VAL A 166 -3.15 20.46 -16.81
CA VAL A 166 -3.29 21.91 -16.77
C VAL A 166 -1.99 22.51 -16.26
N TYR A 167 -1.49 23.50 -16.98
CA TYR A 167 -0.37 24.33 -16.55
C TYR A 167 -0.88 25.73 -16.27
N LEU A 168 -0.71 26.19 -15.03
CA LEU A 168 -1.12 27.55 -14.67
C LEU A 168 -0.03 28.52 -15.08
N HIS A 169 -0.41 29.55 -15.82
CA HIS A 169 0.52 30.43 -16.53
C HIS A 169 0.40 31.83 -15.93
N ILE A 170 1.43 32.26 -15.19
CA ILE A 170 1.45 33.59 -14.60
C ILE A 170 2.73 34.30 -15.06
N SER A 171 2.71 35.62 -14.95
CA SER A 171 3.88 36.41 -15.28
C SER A 171 4.84 36.44 -14.10
N PRO A 172 6.12 36.70 -14.35
CA PRO A 172 7.06 36.82 -13.22
C PRO A 172 6.72 37.95 -12.27
N GLU A 173 6.33 39.12 -12.79
CA GLU A 173 5.97 40.23 -11.91
C GLU A 173 4.81 39.84 -11.00
N GLU A 174 3.82 39.12 -11.55
CA GLU A 174 2.71 38.65 -10.71
C GLU A 174 3.24 37.81 -9.55
N GLN A 175 4.09 36.82 -9.86
CA GLN A 175 4.67 36.00 -8.80
C GLN A 175 5.34 36.87 -7.75
N LYS A 176 6.14 37.84 -8.18
CA LYS A 176 6.88 38.68 -7.24
C LYS A 176 5.93 39.37 -6.27
N GLU A 177 4.83 39.92 -6.79
CA GLU A 177 3.87 40.58 -5.92
C GLU A 177 3.22 39.59 -4.96
N ARG A 178 2.86 38.40 -5.45
CA ARG A 178 2.25 37.41 -4.57
C ARG A 178 3.21 36.97 -3.48
N LEU A 179 4.48 36.75 -3.85
CA LEU A 179 5.47 36.36 -2.86
C LEU A 179 5.74 37.49 -1.87
N GLN A 180 5.86 38.72 -2.36
CA GLN A 180 6.08 39.85 -1.46
C GLN A 180 4.89 40.04 -0.52
N ALA A 181 3.68 39.76 -1.00
CA ALA A 181 2.50 39.91 -0.14
C ALA A 181 2.55 38.96 1.04
N ARG A 182 3.16 37.78 0.87
CA ARG A 182 3.30 36.85 1.99
C ARG A 182 4.37 37.31 2.96
N LEU A 183 5.42 37.97 2.47
CA LEU A 183 6.41 38.56 3.38
C LEU A 183 5.83 39.73 4.15
N ASP A 184 4.95 40.51 3.52
CA ASP A 184 4.40 41.70 4.17
C ASP A 184 3.34 41.35 5.20
N ASN A 185 2.47 40.37 4.88
CA ASN A 185 1.38 40.02 5.78
C ASN A 185 1.87 39.03 6.82
N PRO A 186 1.82 39.37 8.12
CA PRO A 186 2.30 38.43 9.15
C PRO A 186 1.56 37.10 9.15
N GLY A 187 0.24 37.12 8.92
CA GLY A 187 -0.53 35.89 8.92
C GLY A 187 -0.18 34.93 7.80
N LYS A 188 0.61 35.37 6.83
CA LYS A 188 0.97 34.54 5.69
C LYS A 188 2.48 34.23 5.63
N HIS A 189 3.24 34.60 6.66
CA HIS A 189 4.67 34.28 6.69
C HIS A 189 4.91 32.79 6.58
N TRP A 190 3.96 31.96 7.03
CA TRP A 190 4.13 30.52 7.03
C TRP A 190 3.99 29.91 5.65
N LYS A 191 3.54 30.67 4.65
CA LYS A 191 3.41 30.19 3.28
C LYS A 191 4.62 30.50 2.42
N PHE A 192 5.61 31.20 2.96
CA PHE A 192 6.81 31.57 2.24
C PHE A 192 8.04 30.99 2.94
N ASN A 193 8.97 30.47 2.14
CA ASN A 193 10.29 30.09 2.63
C ASN A 193 11.29 30.52 1.56
N PRO A 194 12.45 31.07 1.95
CA PRO A 194 13.42 31.54 0.94
C PRO A 194 13.81 30.49 -0.09
N GLY A 195 13.56 29.21 0.21
CA GLY A 195 13.85 28.18 -0.76
C GLY A 195 13.07 28.32 -2.05
N ASP A 196 11.83 28.82 -1.97
CA ASP A 196 11.02 29.00 -3.17
C ASP A 196 11.74 29.86 -4.20
N LEU A 197 12.61 30.76 -3.75
CA LEU A 197 13.27 31.69 -4.66
C LEU A 197 14.27 31.01 -5.58
N LYS A 198 14.61 29.74 -5.33
CA LYS A 198 15.59 29.06 -6.18
C LYS A 198 15.02 28.85 -7.58
N ASP A 199 13.83 28.27 -7.68
CA ASP A 199 13.26 27.99 -9.00
C ASP A 199 12.98 29.28 -9.76
N ARG A 200 12.57 30.34 -9.05
CA ARG A 200 12.30 31.61 -9.72
C ARG A 200 13.54 32.12 -10.45
N SER A 201 14.72 31.96 -9.84
CA SER A 201 15.96 32.38 -10.48
C SER A 201 16.30 31.54 -11.70
N ASN A 202 15.65 30.39 -11.87
CA ASN A 202 15.83 29.53 -13.04
C ASN A 202 14.61 29.57 -13.95
N TRP A 203 13.92 30.71 -13.99
CA TRP A 203 12.65 30.79 -14.72
C TRP A 203 12.81 30.30 -16.16
N ASP A 204 13.81 30.80 -16.88
CA ASP A 204 13.95 30.47 -18.29
C ASP A 204 14.32 29.01 -18.51
N LYS A 205 15.02 28.39 -17.56
CA LYS A 205 15.29 26.96 -17.68
C LYS A 205 14.03 26.14 -17.48
N PHE A 206 13.09 26.64 -16.69
CA PHE A 206 11.81 25.95 -16.54
C PHE A 206 10.93 26.16 -17.76
N ASN A 207 11.03 27.31 -18.43
CA ASN A 207 10.37 27.46 -19.72
C ASN A 207 10.72 26.30 -20.65
N ASP A 208 12.02 26.06 -20.84
CA ASP A 208 12.47 25.04 -21.78
C ASP A 208 11.92 23.67 -21.41
N VAL A 209 12.14 23.23 -20.17
CA VAL A 209 11.72 21.90 -19.77
C VAL A 209 10.20 21.78 -19.78
N TYR A 210 9.49 22.85 -19.42
CA TYR A 210 8.03 22.82 -19.53
C TYR A 210 7.59 22.74 -20.98
N GLU A 211 8.22 23.52 -21.86
CA GLU A 211 7.87 23.47 -23.27
C GLU A 211 8.20 22.11 -23.87
N ASP A 212 9.26 21.46 -23.38
CA ASP A 212 9.50 20.06 -23.75
C ASP A 212 8.38 19.16 -23.23
N ALA A 213 8.01 19.32 -21.96
CA ALA A 213 7.00 18.47 -21.35
C ALA A 213 5.65 18.59 -22.06
N LEU A 214 5.32 19.80 -22.53
CA LEU A 214 4.04 20.00 -23.21
C LEU A 214 3.92 19.20 -24.50
N THR A 215 5.01 18.62 -25.00
CA THR A 215 4.95 17.86 -26.24
C THR A 215 4.24 16.53 -26.07
N THR A 216 3.88 16.15 -24.85
CA THR A 216 3.03 14.98 -24.63
C THR A 216 1.56 15.27 -24.87
N SER A 217 1.22 16.49 -25.30
CA SER A 217 -0.16 16.85 -25.52
C SER A 217 -0.70 16.10 -26.72
N THR A 218 -1.73 15.30 -26.51
CA THR A 218 -2.42 14.56 -27.55
C THR A 218 -3.90 14.93 -27.53
N ASP A 219 -4.64 14.38 -28.48
CA ASP A 219 -6.10 14.55 -28.44
C ASP A 219 -6.68 13.94 -27.17
N ASP A 220 -6.12 12.79 -26.75
CA ASP A 220 -6.64 12.10 -25.57
C ASP A 220 -6.10 12.68 -24.27
N ALA A 221 -4.87 13.17 -24.26
CA ALA A 221 -4.22 13.68 -23.06
C ALA A 221 -3.67 15.07 -23.34
N PRO A 222 -4.54 16.07 -23.38
CA PRO A 222 -4.11 17.42 -23.75
C PRO A 222 -3.56 18.24 -22.60
N TRP A 223 -2.60 19.08 -22.92
CA TRP A 223 -2.14 20.13 -22.03
C TRP A 223 -2.94 21.40 -22.28
N TYR A 224 -3.22 22.13 -21.20
CA TYR A 224 -3.86 23.43 -21.28
C TYR A 224 -2.97 24.45 -20.60
N VAL A 225 -2.76 25.58 -21.25
CA VAL A 225 -2.07 26.73 -20.66
C VAL A 225 -3.15 27.72 -20.25
N VAL A 226 -3.33 27.88 -18.93
CA VAL A 226 -4.40 28.71 -18.38
C VAL A 226 -3.77 30.02 -17.90
N PRO A 227 -4.10 31.17 -18.50
CA PRO A 227 -3.62 32.44 -17.96
C PRO A 227 -4.15 32.67 -16.55
N ALA A 228 -3.27 32.65 -15.57
CA ALA A 228 -3.67 32.61 -14.17
C ALA A 228 -3.30 33.88 -13.39
N ASP A 229 -2.94 34.97 -14.08
CA ASP A 229 -2.68 36.21 -13.36
C ASP A 229 -3.91 36.65 -12.58
N ARG A 230 -5.11 36.36 -13.10
CA ARG A 230 -6.36 36.67 -12.42
C ARG A 230 -6.87 35.38 -11.78
N LYS A 231 -6.79 35.33 -10.45
CA LYS A 231 -7.17 34.10 -9.75
C LYS A 231 -8.61 33.69 -10.08
N TRP A 232 -9.51 34.67 -10.24
CA TRP A 232 -10.88 34.32 -10.57
C TRP A 232 -10.98 33.72 -11.97
N TYR A 233 -10.14 34.17 -12.89
CA TYR A 233 -10.16 33.61 -14.25
C TYR A 233 -9.61 32.19 -14.26
N ARG A 234 -8.52 31.96 -13.53
CA ARG A 234 -8.01 30.60 -13.34
C ARG A 234 -9.14 29.66 -12.92
N ASP A 235 -9.86 30.03 -11.84
CA ASP A 235 -10.95 29.18 -11.35
C ASP A 235 -12.01 28.97 -12.41
N LEU A 236 -12.36 30.03 -13.15
CA LEU A 236 -13.40 29.91 -14.16
C LEU A 236 -12.97 28.98 -15.30
N VAL A 237 -11.76 29.19 -15.82
CA VAL A 237 -11.30 28.38 -16.95
C VAL A 237 -11.11 26.94 -16.52
N LEU A 238 -10.64 26.71 -15.30
CA LEU A 238 -10.48 25.33 -14.83
C LEU A 238 -11.83 24.63 -14.73
N SER A 239 -12.86 25.35 -14.26
CA SER A 239 -14.19 24.78 -14.17
C SER A 239 -14.72 24.38 -15.53
N HIS A 240 -14.47 25.21 -16.55
CA HIS A 240 -14.93 24.89 -17.90
C HIS A 240 -14.23 23.66 -18.44
N ILE A 241 -12.93 23.52 -18.16
CA ILE A 241 -12.18 22.39 -18.69
C ILE A 241 -12.68 21.09 -18.08
N LEU A 242 -12.87 21.07 -16.76
CA LEU A 242 -13.29 19.83 -16.09
C LEU A 242 -14.74 19.51 -16.41
N LEU A 243 -15.60 20.52 -16.52
CA LEU A 243 -17.00 20.27 -16.82
C LEU A 243 -17.17 19.74 -18.24
N GLY A 244 -16.49 20.35 -19.20
CA GLY A 244 -16.50 19.82 -20.56
C GLY A 244 -16.08 18.37 -20.59
N ALA A 245 -15.03 18.03 -19.82
CA ALA A 245 -14.56 16.64 -19.79
C ALA A 245 -15.64 15.71 -19.24
N LEU A 246 -16.23 16.05 -18.10
CA LEU A 246 -17.25 15.19 -17.52
C LEU A 246 -18.45 15.06 -18.46
N LYS A 247 -18.83 16.15 -19.12
CA LYS A 247 -19.96 16.07 -20.04
C LYS A 247 -19.65 15.19 -21.24
N ASP A 248 -18.44 15.28 -21.78
CA ASP A 248 -18.06 14.42 -22.88
C ASP A 248 -18.01 12.96 -22.43
N MET A 249 -17.50 12.71 -21.22
CA MET A 249 -17.56 11.36 -20.67
C MET A 249 -18.99 10.87 -20.54
N ASN A 250 -19.92 11.80 -20.34
CA ASN A 250 -21.36 11.52 -20.30
C ASN A 250 -21.67 10.32 -19.44
N PRO A 251 -21.32 10.33 -18.14
CA PRO A 251 -21.67 9.22 -17.27
C PRO A 251 -23.17 9.14 -17.05
N GLN A 252 -23.68 7.91 -16.96
CA GLN A 252 -25.10 7.64 -16.81
C GLN A 252 -25.35 6.98 -15.47
N PHE A 253 -26.43 7.38 -14.80
CA PHE A 253 -26.85 6.66 -13.62
C PHE A 253 -27.12 5.19 -13.98
N PRO A 254 -26.70 4.24 -13.15
CA PRO A 254 -26.88 2.84 -13.53
C PRO A 254 -28.34 2.42 -13.50
N ALA A 255 -28.72 1.63 -14.50
CA ALA A 255 -30.08 1.13 -14.57
C ALA A 255 -30.29 0.02 -13.55
N ILE A 256 -31.55 -0.38 -13.38
CA ILE A 256 -31.93 -1.42 -12.43
C ILE A 256 -32.57 -2.58 -13.19
N ASP A 257 -32.47 -3.77 -12.61
CA ASP A 257 -33.07 -4.98 -13.17
C ASP A 257 -34.22 -5.48 -12.30
N TYR A 258 -34.90 -4.57 -11.61
CA TYR A 258 -36.04 -4.91 -10.78
C TYR A 258 -37.10 -3.82 -10.93
N ASP A 259 -38.34 -4.18 -10.64
CA ASP A 259 -39.44 -3.25 -10.74
C ASP A 259 -39.72 -2.63 -9.38
N PRO A 260 -39.53 -1.31 -9.20
CA PRO A 260 -39.89 -0.70 -7.91
C PRO A 260 -41.36 -0.85 -7.57
N SER A 261 -42.21 -1.13 -8.56
CA SER A 261 -43.64 -1.30 -8.30
C SER A 261 -43.94 -2.63 -7.62
N LYS A 262 -43.04 -3.60 -7.71
CA LYS A 262 -43.28 -4.95 -7.23
C LYS A 262 -42.70 -5.21 -5.85
N VAL A 263 -42.00 -4.24 -5.26
CA VAL A 263 -41.37 -4.41 -3.95
C VAL A 263 -42.23 -3.71 -2.91
N VAL A 264 -42.48 -4.39 -1.80
CA VAL A 264 -43.22 -3.85 -0.67
C VAL A 264 -42.29 -3.81 0.53
N ILE A 265 -42.07 -2.62 1.08
CA ILE A 265 -41.28 -2.47 2.28
C ILE A 265 -42.16 -2.70 3.50
N HIS A 266 -41.70 -3.54 4.43
CA HIS A 266 -42.44 -3.80 5.66
C HIS A 266 -41.83 -3.04 6.82
N MET B 1 20.86 -29.23 26.91
CA MET B 1 20.36 -28.13 27.78
C MET B 1 18.91 -27.79 27.46
N ASP B 2 18.24 -27.16 28.43
CA ASP B 2 16.82 -26.83 28.32
C ASP B 2 16.65 -25.54 27.52
N ILE B 3 15.90 -25.63 26.42
CA ILE B 3 15.67 -24.45 25.58
C ILE B 3 14.80 -23.45 26.31
N ASP B 4 13.97 -23.90 27.25
CA ASP B 4 13.08 -22.99 27.96
C ASP B 4 13.82 -22.08 28.92
N ASN B 5 15.09 -22.39 29.25
CA ASN B 5 15.89 -21.50 30.07
C ASN B 5 16.12 -20.15 29.41
N TYR B 6 15.94 -20.07 28.10
CA TYR B 6 16.17 -18.83 27.37
C TYR B 6 14.94 -17.95 27.26
N ARG B 7 13.77 -18.43 27.69
CA ARG B 7 12.54 -17.66 27.60
C ARG B 7 12.41 -16.74 28.81
N VAL B 8 12.06 -15.47 28.55
CA VAL B 8 11.80 -14.52 29.62
C VAL B 8 10.45 -14.87 30.23
N LYS B 9 10.45 -15.29 31.48
CA LYS B 9 9.21 -15.72 32.11
C LYS B 9 8.31 -14.51 32.39
N PRO B 10 6.99 -14.70 32.33
CA PRO B 10 6.08 -13.55 32.53
C PRO B 10 6.22 -12.92 33.90
N GLY B 11 6.09 -11.60 33.94
CA GLY B 11 5.88 -10.87 35.17
C GLY B 11 7.09 -10.66 36.05
N LYS B 12 8.29 -11.04 35.60
CA LYS B 12 9.49 -10.88 36.39
C LYS B 12 10.54 -10.15 35.57
N ARG B 13 10.99 -8.99 36.07
CA ARG B 13 12.05 -8.28 35.39
C ARG B 13 13.32 -9.11 35.39
N VAL B 14 14.09 -8.98 34.30
CA VAL B 14 15.33 -9.72 34.13
C VAL B 14 16.46 -8.72 33.91
N LYS B 15 17.68 -9.21 34.07
CA LYS B 15 18.89 -8.50 33.69
C LYS B 15 19.60 -9.35 32.65
N LEU B 16 19.87 -8.75 31.48
CA LEU B 16 20.55 -9.49 30.43
C LEU B 16 21.84 -10.14 30.91
N SER B 17 22.54 -9.48 31.84
CA SER B 17 23.81 -10.01 32.33
C SER B 17 23.68 -11.42 32.90
N ASP B 18 22.47 -11.83 33.30
CA ASP B 18 22.30 -13.12 33.95
C ASP B 18 22.46 -14.29 32.99
N TRP B 19 22.38 -14.05 31.68
CA TRP B 19 22.56 -15.09 30.68
C TRP B 19 23.99 -15.10 30.16
N ALA B 20 24.54 -16.31 30.01
CA ALA B 20 25.81 -16.44 29.31
C ALA B 20 25.60 -16.15 27.83
N THR B 21 26.66 -15.68 27.18
CA THR B 21 26.61 -15.33 25.77
C THR B 21 27.23 -16.38 24.86
N ASN B 22 27.89 -17.38 25.43
CA ASN B 22 28.65 -18.35 24.66
C ASN B 22 28.29 -19.78 25.07
N ASP B 23 27.01 -20.05 25.28
CA ASP B 23 26.60 -21.41 25.57
C ASP B 23 26.88 -22.31 24.37
N ASP B 24 26.94 -23.61 24.64
CA ASP B 24 27.07 -24.59 23.57
C ASP B 24 26.25 -25.85 23.80
N ALA B 25 25.53 -25.96 24.93
CA ALA B 25 24.69 -27.11 25.24
C ALA B 25 25.48 -28.41 25.31
N GLY B 26 26.80 -28.32 25.43
CA GLY B 26 27.63 -29.49 25.43
C GLY B 26 27.93 -30.06 24.06
N LEU B 27 27.78 -29.26 23.01
CA LEU B 27 27.94 -29.71 21.63
C LEU B 27 29.16 -29.05 20.99
N SER B 28 29.77 -29.78 20.06
CA SER B 28 30.81 -29.23 19.22
C SER B 28 30.19 -28.44 18.07
N LYS B 29 31.02 -27.63 17.41
CA LYS B 29 30.53 -26.86 16.27
C LYS B 29 30.00 -27.79 15.18
N GLU B 30 30.69 -28.91 14.93
CA GLU B 30 30.25 -29.84 13.90
C GLU B 30 28.95 -30.53 14.31
N GLU B 31 28.90 -31.04 15.55
CA GLU B 31 27.69 -31.72 16.01
C GLU B 31 26.50 -30.78 16.02
N GLY B 32 26.72 -29.50 16.33
CA GLY B 32 25.64 -28.53 16.27
C GLY B 32 25.19 -28.25 14.85
N GLN B 33 26.14 -27.92 13.98
CA GLN B 33 25.80 -27.67 12.58
C GLN B 33 25.05 -28.85 11.98
N ALA B 34 25.46 -30.07 12.33
CA ALA B 34 24.78 -31.25 11.79
C ALA B 34 23.34 -31.33 12.29
N GLN B 35 23.14 -31.01 13.57
CA GLN B 35 21.79 -31.01 14.13
C GLN B 35 20.96 -29.88 13.53
N THR B 36 21.58 -28.73 13.30
CA THR B 36 20.88 -27.62 12.64
C THR B 36 20.48 -27.99 11.22
N ALA B 37 21.39 -28.64 10.48
CA ALA B 37 21.10 -29.00 9.09
C ALA B 37 19.92 -29.96 8.99
N LYS B 38 19.69 -30.77 10.03
CA LYS B 38 18.56 -31.69 9.99
C LYS B 38 17.25 -30.99 10.36
N LEU B 39 17.30 -30.05 11.30
CA LEU B 39 16.11 -29.27 11.62
C LEU B 39 15.64 -28.48 10.41
N ALA B 40 16.55 -28.11 9.51
CA ALA B 40 16.15 -27.39 8.31
C ALA B 40 15.16 -28.19 7.48
N GLY B 41 15.26 -29.51 7.51
CA GLY B 41 14.26 -30.32 6.84
C GLY B 41 12.90 -30.24 7.49
N GLU B 42 12.86 -30.29 8.82
CA GLU B 42 11.59 -30.20 9.53
C GLU B 42 10.97 -28.82 9.36
N LEU B 43 11.77 -27.76 9.44
CA LEU B 43 11.25 -26.42 9.22
C LEU B 43 10.56 -26.31 7.87
N ALA B 44 11.15 -26.94 6.84
CA ALA B 44 10.52 -26.93 5.53
C ALA B 44 9.23 -27.72 5.54
N GLU B 45 9.23 -28.89 6.18
CA GLU B 45 8.02 -29.72 6.24
C GLU B 45 6.88 -28.96 6.88
N TRP B 46 7.12 -28.36 8.05
CA TRP B 46 6.05 -27.73 8.80
C TRP B 46 5.68 -26.37 8.24
N GLN B 47 6.62 -25.69 7.59
CA GLN B 47 6.29 -24.43 6.95
C GLN B 47 5.35 -24.65 5.77
N GLU B 48 5.58 -25.73 5.00
CA GLU B 48 4.66 -26.07 3.92
C GLU B 48 3.26 -26.31 4.45
N ARG B 49 3.14 -27.05 5.56
CA ARG B 49 1.84 -27.32 6.13
C ARG B 49 1.16 -26.04 6.57
N LEU B 50 1.90 -25.14 7.21
CA LEU B 50 1.34 -23.84 7.59
C LEU B 50 0.75 -23.13 6.38
N TYR B 51 1.42 -23.23 5.23
CA TYR B 51 0.98 -22.50 4.04
C TYR B 51 -0.24 -23.16 3.41
N ALA B 52 -0.24 -24.49 3.34
CA ALA B 52 -1.38 -25.20 2.76
C ALA B 52 -2.64 -24.98 3.58
N GLU B 53 -2.51 -24.94 4.91
CA GLU B 53 -3.67 -24.78 5.77
C GLU B 53 -4.31 -23.41 5.58
N GLY B 54 -3.50 -22.36 5.51
CA GLY B 54 -4.03 -21.03 5.28
C GLY B 54 -4.89 -20.50 6.40
N LYS B 55 -4.64 -20.93 7.65
CA LYS B 55 -5.43 -20.49 8.79
C LYS B 55 -4.61 -19.80 9.88
N GLN B 56 -3.31 -20.07 9.98
CA GLN B 56 -2.45 -19.49 10.99
C GLN B 56 -1.28 -18.77 10.33
N SER B 57 -0.47 -18.13 11.14
CA SER B 57 0.73 -17.45 10.65
C SER B 57 1.74 -17.37 11.79
N LEU B 58 2.99 -17.08 11.44
CA LEU B 58 4.09 -17.06 12.39
C LEU B 58 4.87 -15.76 12.22
N LEU B 59 5.05 -15.03 13.32
CA LEU B 59 5.75 -13.75 13.32
C LEU B 59 6.98 -13.86 14.21
N LEU B 60 8.15 -13.79 13.59
CA LEU B 60 9.42 -13.76 14.32
C LEU B 60 9.91 -12.33 14.38
N ILE B 61 10.27 -11.89 15.58
CA ILE B 61 10.78 -10.54 15.82
C ILE B 61 12.24 -10.67 16.25
N LEU B 62 13.14 -10.17 15.40
CA LEU B 62 14.57 -10.20 15.68
C LEU B 62 15.03 -8.84 16.17
N GLN B 63 15.68 -8.82 17.33
CA GLN B 63 16.31 -7.63 17.86
C GLN B 63 17.70 -8.01 18.35
N ALA B 64 18.70 -7.20 18.00
CA ALA B 64 20.05 -7.50 18.42
C ALA B 64 20.94 -6.32 18.08
N ARG B 65 22.10 -6.29 18.73
CA ARG B 65 23.06 -5.20 18.51
C ARG B 65 23.90 -5.49 17.28
N ASP B 66 24.73 -4.50 16.91
CA ASP B 66 25.47 -4.59 15.66
C ASP B 66 26.37 -5.82 15.66
N ALA B 67 26.43 -6.49 14.50
CA ALA B 67 27.26 -7.67 14.29
C ALA B 67 26.84 -8.84 15.20
N ALA B 68 25.58 -8.85 15.66
CA ALA B 68 25.11 -9.90 16.55
C ALA B 68 24.62 -11.14 15.82
N GLY B 69 24.28 -11.02 14.53
CA GLY B 69 23.93 -12.19 13.73
C GLY B 69 22.52 -12.23 13.21
N LYS B 70 21.89 -11.05 13.08
CA LYS B 70 20.50 -11.01 12.60
C LYS B 70 20.42 -11.46 11.15
N ASP B 71 21.24 -10.87 10.28
CA ASP B 71 21.23 -11.28 8.88
C ASP B 71 21.70 -12.72 8.72
N GLY B 72 22.71 -13.12 9.49
CA GLY B 72 23.18 -14.49 9.40
C GLY B 72 22.13 -15.50 9.85
N ALA B 73 21.37 -15.15 10.90
CA ALA B 73 20.28 -16.03 11.35
C ALA B 73 19.20 -16.16 10.29
N VAL B 74 18.85 -15.05 9.64
CA VAL B 74 17.87 -15.11 8.55
C VAL B 74 18.39 -15.98 7.42
N LYS B 75 19.63 -15.75 7.00
CA LYS B 75 20.17 -16.46 5.84
C LYS B 75 20.17 -17.97 6.06
N LYS B 76 20.53 -18.42 7.26
CA LYS B 76 20.66 -19.84 7.54
C LYS B 76 19.32 -20.47 7.95
N VAL B 77 18.67 -19.91 8.97
CA VAL B 77 17.47 -20.53 9.53
C VAL B 77 16.26 -20.26 8.66
N ILE B 78 15.94 -18.98 8.44
CA ILE B 78 14.79 -18.63 7.62
C ILE B 78 14.96 -19.14 6.20
N GLY B 79 16.21 -19.37 5.77
CA GLY B 79 16.46 -19.93 4.45
C GLY B 79 16.02 -21.37 4.28
N ALA B 80 15.72 -22.06 5.38
CA ALA B 80 15.18 -23.40 5.28
C ALA B 80 13.74 -23.41 4.79
N PHE B 81 13.04 -22.28 4.93
CA PHE B 81 11.65 -22.18 4.51
C PHE B 81 11.56 -21.97 3.00
N ASN B 82 10.42 -22.32 2.44
CA ASN B 82 10.12 -21.99 1.06
C ASN B 82 9.94 -20.48 0.96
N PRO B 83 10.75 -19.77 0.17
CA PRO B 83 10.67 -18.30 0.16
C PRO B 83 9.30 -17.77 -0.23
N ALA B 84 8.43 -18.59 -0.83
CA ALA B 84 7.10 -18.15 -1.21
C ALA B 84 6.15 -18.06 -0.02
N GLY B 85 6.52 -18.60 1.13
CA GLY B 85 5.68 -18.52 2.32
C GLY B 85 6.34 -17.75 3.43
N VAL B 86 7.26 -16.85 3.08
CA VAL B 86 7.99 -16.06 4.06
C VAL B 86 8.08 -14.63 3.58
N GLN B 87 7.88 -13.69 4.51
CA GLN B 87 8.01 -12.26 4.25
C GLN B 87 8.94 -11.68 5.29
N ILE B 88 10.04 -11.08 4.84
CA ILE B 88 11.04 -10.50 5.72
C ILE B 88 11.04 -8.99 5.50
N THR B 89 10.85 -8.24 6.59
CA THR B 89 10.86 -6.79 6.56
C THR B 89 11.92 -6.28 7.51
N SER B 90 12.87 -5.52 6.96
CA SER B 90 13.93 -4.87 7.76
C SER B 90 13.50 -3.42 7.93
N PHE B 91 12.95 -3.09 9.09
CA PHE B 91 12.42 -1.75 9.32
C PHE B 91 13.57 -0.77 9.47
N LYS B 92 13.71 0.12 8.49
CA LYS B 92 14.77 1.13 8.49
C LYS B 92 14.34 2.34 9.30
N GLN B 93 15.00 3.47 9.11
CA GLN B 93 14.55 4.69 9.77
C GLN B 93 13.18 5.08 9.24
N PRO B 94 12.27 5.56 10.11
CA PRO B 94 10.94 5.97 9.63
C PRO B 94 11.05 7.03 8.55
N SER B 95 10.33 6.82 7.45
CA SER B 95 10.25 7.84 6.41
C SER B 95 9.41 9.01 6.89
N ALA B 96 9.19 9.98 5.99
CA ALA B 96 8.37 11.12 6.35
C ALA B 96 6.90 10.72 6.48
N GLU B 97 6.38 9.97 5.51
CA GLU B 97 4.99 9.54 5.60
C GLU B 97 4.77 8.70 6.85
N GLU B 98 5.68 7.78 7.13
CA GLU B 98 5.54 6.93 8.30
C GLU B 98 5.59 7.75 9.58
N LEU B 99 6.41 8.80 9.62
CA LEU B 99 6.46 9.66 10.80
C LEU B 99 5.19 10.49 10.95
N SER B 100 4.46 10.73 9.86
CA SER B 100 3.19 11.42 9.93
C SER B 100 2.06 10.53 10.46
N HIS B 101 2.37 9.31 10.87
CA HIS B 101 1.42 8.37 11.43
C HIS B 101 1.90 7.91 12.81
N ASP B 102 1.05 7.16 13.50
CA ASP B 102 1.45 6.52 14.74
C ASP B 102 2.54 5.49 14.48
N PHE B 103 3.33 5.21 15.52
CA PHE B 103 4.55 4.42 15.31
C PHE B 103 4.25 2.99 14.90
N LEU B 104 3.03 2.50 15.11
CA LEU B 104 2.68 1.13 14.75
C LEU B 104 2.05 1.03 13.36
N TRP B 105 1.73 2.16 12.73
CA TRP B 105 1.10 2.14 11.42
C TRP B 105 1.89 1.29 10.44
N ARG B 106 3.19 1.59 10.27
CA ARG B 106 4.02 0.86 9.32
C ARG B 106 4.31 -0.56 9.77
N ILE B 107 4.22 -0.85 11.07
CA ILE B 107 4.46 -2.20 11.55
C ILE B 107 3.26 -3.10 11.24
N HIS B 108 2.05 -2.60 11.50
CA HIS B 108 0.85 -3.40 11.30
C HIS B 108 0.68 -3.81 9.85
N GLN B 109 1.07 -2.96 8.90
CA GLN B 109 0.84 -3.28 7.50
C GLN B 109 1.71 -4.45 7.03
N LYS B 110 2.81 -4.74 7.73
CA LYS B 110 3.65 -5.87 7.40
C LYS B 110 3.33 -7.10 8.24
N ALA B 111 2.23 -7.08 8.99
CA ALA B 111 1.84 -8.27 9.73
C ALA B 111 1.57 -9.41 8.75
N PRO B 112 1.91 -10.65 9.09
CA PRO B 112 1.79 -11.73 8.11
C PRO B 112 0.35 -12.17 7.92
N ALA B 113 0.01 -12.49 6.68
CA ALA B 113 -1.32 -12.99 6.35
C ALA B 113 -1.41 -14.49 6.64
N LYS B 114 -2.64 -15.00 6.66
CA LYS B 114 -2.87 -16.40 6.98
C LYS B 114 -1.99 -17.29 6.13
N GLY B 115 -1.31 -18.23 6.78
CA GLY B 115 -0.45 -19.18 6.12
C GLY B 115 0.99 -18.76 5.93
N TYR B 116 1.36 -17.55 6.37
CA TYR B 116 2.66 -16.99 6.07
C TYR B 116 3.52 -16.88 7.32
N VAL B 117 4.84 -16.89 7.10
CA VAL B 117 5.83 -16.64 8.13
C VAL B 117 6.36 -15.22 7.90
N GLY B 118 6.28 -14.39 8.93
CA GLY B 118 6.76 -13.01 8.86
C GLY B 118 7.95 -12.82 9.78
N VAL B 119 8.94 -12.07 9.30
CA VAL B 119 10.16 -11.80 10.05
C VAL B 119 10.37 -10.29 10.13
N PHE B 120 10.51 -9.77 11.34
CA PHE B 120 10.77 -8.36 11.59
C PHE B 120 12.23 -8.23 12.05
N ASN B 121 13.12 -8.02 11.10
CA ASN B 121 14.52 -7.70 11.40
C ASN B 121 14.56 -6.23 11.77
N ARG B 122 14.59 -5.96 13.09
CA ARG B 122 14.24 -4.65 13.64
C ARG B 122 12.73 -4.50 13.50
N SER B 123 12.08 -3.96 14.53
CA SER B 123 10.64 -4.16 14.67
C SER B 123 10.05 -2.96 15.41
N GLN B 124 8.84 -3.14 15.95
CA GLN B 124 8.17 -2.08 16.70
C GLN B 124 8.95 -1.68 17.94
N TYR B 125 9.77 -2.58 18.48
CA TYR B 125 10.53 -2.24 19.68
C TYR B 125 11.62 -1.21 19.41
N GLU B 126 12.09 -1.10 18.16
CA GLU B 126 13.00 -0.02 17.83
C GLU B 126 12.48 1.32 18.31
N ASP B 127 11.16 1.47 18.35
CA ASP B 127 10.51 2.70 18.77
C ASP B 127 10.52 2.91 20.28
N VAL B 128 11.10 1.98 21.05
CA VAL B 128 11.25 2.13 22.48
C VAL B 128 12.68 1.77 22.87
N LEU B 129 13.59 1.77 21.89
CA LEU B 129 14.99 1.45 22.13
C LEU B 129 15.88 2.61 21.75
N VAL B 130 16.17 2.77 20.45
CA VAL B 130 17.02 3.86 20.00
C VAL B 130 16.39 5.20 20.30
N THR B 131 15.05 5.27 20.33
CA THR B 131 14.35 6.51 20.64
C THR B 131 14.55 6.94 22.09
N ARG B 132 14.85 6.00 22.99
CA ARG B 132 15.07 6.33 24.39
C ARG B 132 16.54 6.62 24.69
N VAL B 133 17.45 5.85 24.10
CA VAL B 133 18.88 6.04 24.37
C VAL B 133 19.32 7.43 23.92
N TYR B 134 18.70 7.96 22.87
CA TYR B 134 19.10 9.24 22.28
C TYR B 134 18.04 10.31 22.52
N ASP B 135 17.26 10.16 23.59
CA ASP B 135 16.39 11.22 24.10
C ASP B 135 15.46 11.76 23.01
N MET B 136 14.93 10.86 22.18
CA MET B 136 13.88 11.24 21.26
C MET B 136 12.51 11.19 21.92
N ILE B 137 12.34 10.33 22.93
CA ILE B 137 11.12 10.24 23.70
C ILE B 137 11.49 10.02 25.17
N ASP B 138 10.57 10.42 26.05
CA ASP B 138 10.81 10.32 27.48
C ASP B 138 10.30 8.98 28.02
N ASP B 139 10.49 8.75 29.32
CA ASP B 139 10.07 7.49 29.91
C ASP B 139 8.55 7.33 29.86
N LYS B 140 7.81 8.39 30.18
CA LYS B 140 6.35 8.28 30.15
C LYS B 140 5.87 7.86 28.77
N THR B 141 6.40 8.52 27.72
CA THR B 141 6.08 8.09 26.37
C THR B 141 6.52 6.66 26.11
N ALA B 142 7.70 6.28 26.60
CA ALA B 142 8.18 4.92 26.41
C ALA B 142 7.26 3.91 27.10
N LYS B 143 6.81 4.24 28.31
CA LYS B 143 5.96 3.30 29.04
C LYS B 143 4.64 3.06 28.31
N ARG B 144 4.03 4.13 27.79
CA ARG B 144 2.76 3.99 27.07
C ARG B 144 2.96 3.22 25.77
N ARG B 145 4.10 3.44 25.10
CA ARG B 145 4.37 2.71 23.86
C ARG B 145 4.54 1.22 24.09
N LEU B 146 5.10 0.83 25.24
CA LEU B 146 5.22 -0.60 25.54
C LEU B 146 3.85 -1.23 25.73
N GLU B 147 2.90 -0.49 26.31
CA GLU B 147 1.54 -0.98 26.43
C GLU B 147 0.87 -1.09 25.06
N HIS B 148 1.08 -0.09 24.19
CA HIS B 148 0.51 -0.17 22.85
C HIS B 148 1.06 -1.38 22.10
N ILE B 149 2.35 -1.69 22.29
CA ILE B 149 2.95 -2.84 21.63
C ILE B 149 2.32 -4.14 22.14
N ARG B 150 2.12 -4.24 23.45
CA ARG B 150 1.47 -5.41 24.02
C ARG B 150 0.07 -5.59 23.44
N HIS B 151 -0.75 -4.53 23.44
CA HIS B 151 -2.09 -4.62 22.86
C HIS B 151 -2.03 -5.04 21.40
N PHE B 152 -1.08 -4.48 20.64
CA PHE B 152 -0.90 -4.87 19.25
C PHE B 152 -0.59 -6.35 19.12
N GLU B 153 0.32 -6.85 19.95
CA GLU B 153 0.67 -8.26 19.90
C GLU B 153 -0.48 -9.13 20.37
N GLU B 154 -1.35 -8.59 21.23
CA GLU B 154 -2.56 -9.31 21.62
C GLU B 154 -3.55 -9.39 20.47
N LEU B 155 -3.68 -8.31 19.70
CA LEU B 155 -4.51 -8.32 18.50
C LEU B 155 -4.07 -9.45 17.57
N LEU B 156 -2.78 -9.47 17.21
CA LEU B 156 -2.31 -10.49 16.27
C LEU B 156 -2.49 -11.88 16.85
N THR B 157 -2.26 -12.04 18.15
CA THR B 157 -2.38 -13.37 18.77
C THR B 157 -3.80 -13.91 18.60
N ASP B 158 -4.81 -13.08 18.87
CA ASP B 158 -6.19 -13.50 18.66
C ASP B 158 -6.50 -13.74 17.19
N ASN B 159 -5.68 -13.24 16.28
CA ASN B 159 -5.83 -13.47 14.84
C ASN B 159 -5.11 -14.75 14.39
N ALA B 160 -4.63 -15.56 15.33
CA ALA B 160 -3.93 -16.81 15.06
C ALA B 160 -2.49 -16.61 14.61
N THR B 161 -1.92 -15.43 14.90
CA THR B 161 -0.53 -15.13 14.59
C THR B 161 0.32 -15.46 15.81
N ARG B 162 1.12 -16.52 15.70
CA ARG B 162 1.99 -16.95 16.80
C ARG B 162 3.22 -16.05 16.83
N ILE B 163 3.35 -15.24 17.87
CA ILE B 163 4.43 -14.27 17.98
C ILE B 163 5.60 -14.89 18.73
N VAL B 164 6.81 -14.69 18.19
CA VAL B 164 8.04 -15.17 18.80
C VAL B 164 9.08 -14.06 18.68
N LYS B 165 9.54 -13.54 19.81
CA LYS B 165 10.50 -12.45 19.86
C LYS B 165 11.84 -13.00 20.34
N VAL B 166 12.90 -12.74 19.58
CA VAL B 166 14.23 -13.28 19.86
C VAL B 166 15.22 -12.12 19.98
N TYR B 167 15.99 -12.13 21.06
CA TYR B 167 17.09 -11.19 21.27
C TYR B 167 18.41 -11.96 21.20
N LEU B 168 19.28 -11.56 20.28
CA LEU B 168 20.57 -12.21 20.12
C LEU B 168 21.57 -11.56 21.08
N HIS B 169 22.17 -12.38 21.93
CA HIS B 169 22.94 -11.95 23.10
C HIS B 169 24.41 -12.26 22.86
N ILE B 170 25.22 -11.22 22.67
CA ILE B 170 26.65 -11.38 22.48
C ILE B 170 27.39 -10.48 23.45
N SER B 171 28.62 -10.86 23.77
CA SER B 171 29.44 -10.08 24.67
C SER B 171 30.05 -8.89 23.93
N PRO B 172 30.45 -7.84 24.65
CA PRO B 172 31.09 -6.70 23.96
C PRO B 172 32.39 -7.09 23.29
N GLU B 173 33.19 -7.97 23.91
CA GLU B 173 34.44 -8.39 23.30
C GLU B 173 34.21 -9.13 21.99
N GLU B 174 33.16 -9.97 21.94
CA GLU B 174 32.84 -10.66 20.70
C GLU B 174 32.53 -9.66 19.60
N GLN B 175 31.64 -8.71 19.87
CA GLN B 175 31.36 -7.66 18.90
C GLN B 175 32.64 -6.98 18.43
N LYS B 176 33.52 -6.62 19.36
CA LYS B 176 34.75 -5.92 19.00
C LYS B 176 35.54 -6.70 17.97
N GLU B 177 35.68 -8.01 18.20
CA GLU B 177 36.40 -8.85 17.24
C GLU B 177 35.69 -8.90 15.91
N ARG B 178 34.35 -9.04 15.93
CA ARG B 178 33.61 -9.14 14.68
C ARG B 178 33.69 -7.84 13.88
N LEU B 179 33.60 -6.70 14.56
CA LEU B 179 33.72 -5.42 13.87
C LEU B 179 35.13 -5.21 13.34
N GLN B 180 36.14 -5.63 14.10
CA GLN B 180 37.52 -5.52 13.64
C GLN B 180 37.75 -6.42 12.42
N ALA B 181 37.11 -7.59 12.39
CA ALA B 181 37.29 -8.48 11.25
C ALA B 181 36.80 -7.84 9.97
N ARG B 182 35.78 -7.00 10.05
CA ARG B 182 35.28 -6.32 8.86
C ARG B 182 36.22 -5.20 8.43
N LEU B 183 36.88 -4.54 9.39
CA LEU B 183 37.92 -3.57 9.02
C LEU B 183 39.12 -4.27 8.40
N ASP B 184 39.48 -5.45 8.91
CA ASP B 184 40.71 -6.10 8.49
C ASP B 184 40.57 -6.76 7.12
N ASN B 185 39.40 -7.32 6.82
CA ASN B 185 39.16 -7.99 5.54
C ASN B 185 38.73 -6.95 4.52
N PRO B 186 39.51 -6.68 3.47
CA PRO B 186 39.05 -5.71 2.47
C PRO B 186 37.73 -6.07 1.81
N GLY B 187 37.41 -7.36 1.70
CA GLY B 187 36.14 -7.76 1.12
C GLY B 187 34.94 -7.51 2.00
N LYS B 188 35.14 -7.23 3.28
CA LYS B 188 34.06 -6.94 4.21
C LYS B 188 34.03 -5.48 4.64
N HIS B 189 34.83 -4.62 4.01
CA HIS B 189 34.78 -3.20 4.32
C HIS B 189 33.39 -2.61 4.09
N TRP B 190 32.64 -3.19 3.16
CA TRP B 190 31.30 -2.67 2.85
C TRP B 190 30.28 -2.99 3.94
N LYS B 191 30.65 -3.81 4.92
CA LYS B 191 29.75 -4.17 6.02
C LYS B 191 29.94 -3.31 7.25
N PHE B 192 30.99 -2.49 7.31
CA PHE B 192 31.28 -1.67 8.46
C PHE B 192 31.09 -0.20 8.12
N ASN B 193 30.56 0.56 9.09
CA ASN B 193 30.40 2.00 8.96
C ASN B 193 30.74 2.59 10.32
N PRO B 194 31.58 3.63 10.39
CA PRO B 194 31.91 4.22 11.70
C PRO B 194 30.71 4.76 12.47
N GLY B 195 29.50 4.61 11.94
CA GLY B 195 28.31 5.01 12.66
C GLY B 195 27.82 3.89 13.58
N ASP B 196 28.06 2.65 13.16
CA ASP B 196 27.71 1.51 14.01
C ASP B 196 28.32 1.64 15.40
N LEU B 197 29.45 2.33 15.51
CA LEU B 197 30.13 2.46 16.80
C LEU B 197 29.37 3.33 17.79
N LYS B 198 28.36 4.08 17.34
CA LYS B 198 27.63 4.96 18.25
C LYS B 198 26.84 4.16 19.29
N ASP B 199 26.09 3.15 18.84
CA ASP B 199 25.31 2.35 19.78
C ASP B 199 26.22 1.59 20.74
N ARG B 200 27.36 1.11 20.26
CA ARG B 200 28.27 0.37 21.12
C ARG B 200 28.70 1.22 22.31
N SER B 201 28.96 2.51 22.09
CA SER B 201 29.41 3.38 23.17
C SER B 201 28.31 3.63 24.20
N ASN B 202 27.05 3.33 23.86
CA ASN B 202 25.93 3.43 24.78
C ASN B 202 25.42 2.04 25.19
N TRP B 203 26.31 1.06 25.24
CA TRP B 203 25.91 -0.33 25.49
C TRP B 203 25.05 -0.45 26.74
N ASP B 204 25.49 0.13 27.85
CA ASP B 204 24.76 -0.06 29.11
C ASP B 204 23.41 0.64 29.10
N LYS B 205 23.25 1.71 28.32
CA LYS B 205 21.93 2.31 28.18
C LYS B 205 21.01 1.43 27.36
N PHE B 206 21.56 0.70 26.38
CA PHE B 206 20.75 -0.27 25.65
C PHE B 206 20.38 -1.46 26.52
N ASN B 207 21.26 -1.86 27.44
CA ASN B 207 20.88 -2.88 28.42
C ASN B 207 19.55 -2.51 29.07
N ASP B 208 19.46 -1.29 29.60
CA ASP B 208 18.27 -0.88 30.34
C ASP B 208 17.02 -0.91 29.46
N VAL B 209 17.09 -0.28 28.29
CA VAL B 209 15.89 -0.17 27.46
C VAL B 209 15.50 -1.54 26.92
N TYR B 210 16.49 -2.40 26.65
CA TYR B 210 16.15 -3.76 26.24
C TYR B 210 15.50 -4.52 27.39
N GLU B 211 16.04 -4.37 28.60
CA GLU B 211 15.45 -5.03 29.76
C GLU B 211 14.05 -4.53 30.02
N ASP B 212 13.78 -3.25 29.77
CA ASP B 212 12.41 -2.76 29.77
C ASP B 212 11.58 -3.46 28.70
N ALA B 213 12.10 -3.52 27.47
CA ALA B 213 11.35 -4.11 26.37
C ALA B 213 11.02 -5.58 26.65
N LEU B 214 11.90 -6.29 27.35
CA LEU B 214 11.65 -7.69 27.65
C LEU B 214 10.46 -7.88 28.60
N THR B 215 9.98 -6.81 29.26
CA THR B 215 8.83 -6.95 30.15
C THR B 215 7.53 -7.21 29.40
N THR B 216 7.54 -7.15 28.07
CA THR B 216 6.38 -7.53 27.27
C THR B 216 6.30 -9.04 27.05
N SER B 217 7.17 -9.81 27.70
CA SER B 217 7.19 -11.25 27.50
C SER B 217 6.01 -11.88 28.22
N THR B 218 5.17 -12.58 27.47
CA THR B 218 4.01 -13.28 27.99
C THR B 218 4.06 -14.72 27.51
N ASP B 219 3.15 -15.54 28.04
CA ASP B 219 3.03 -16.91 27.56
C ASP B 219 2.68 -16.93 26.08
N ASP B 220 1.85 -15.99 25.64
CA ASP B 220 1.41 -15.95 24.25
C ASP B 220 2.44 -15.28 23.34
N ALA B 221 3.25 -14.36 23.86
CA ALA B 221 4.22 -13.61 23.06
C ALA B 221 5.53 -13.53 23.82
N PRO B 222 6.29 -14.62 23.88
CA PRO B 222 7.47 -14.66 24.73
C PRO B 222 8.71 -14.05 24.06
N TRP B 223 9.55 -13.46 24.90
CA TRP B 223 10.89 -13.08 24.51
C TRP B 223 11.85 -14.24 24.78
N TYR B 224 12.87 -14.33 23.94
CA TYR B 224 13.94 -15.30 24.13
C TYR B 224 15.28 -14.56 24.09
N VAL B 225 16.16 -14.91 25.02
CA VAL B 225 17.53 -14.44 25.02
C VAL B 225 18.39 -15.61 24.55
N VAL B 226 18.95 -15.48 23.35
CA VAL B 226 19.71 -16.56 22.72
C VAL B 226 21.19 -16.20 22.82
N PRO B 227 22.02 -16.99 23.53
CA PRO B 227 23.47 -16.73 23.52
C PRO B 227 24.03 -16.96 22.13
N ALA B 228 24.61 -15.90 21.55
CA ALA B 228 24.93 -15.88 20.13
C ALA B 228 26.41 -15.63 19.85
N ASP B 229 27.29 -15.77 20.84
CA ASP B 229 28.71 -15.68 20.56
C ASP B 229 29.13 -16.75 19.57
N ARG B 230 28.54 -17.94 19.68
CA ARG B 230 28.80 -19.05 18.76
C ARG B 230 27.72 -19.02 17.68
N LYS B 231 28.10 -18.56 16.48
CA LYS B 231 27.12 -18.39 15.42
C LYS B 231 26.39 -19.70 15.14
N TRP B 232 27.11 -20.83 15.19
CA TRP B 232 26.45 -22.11 14.95
C TRP B 232 25.41 -22.39 16.03
N TYR B 233 25.66 -21.93 17.26
CA TYR B 233 24.70 -22.14 18.35
C TYR B 233 23.50 -21.22 18.20
N ARG B 234 23.73 -19.97 17.80
CA ARG B 234 22.63 -19.07 17.47
C ARG B 234 21.66 -19.74 16.50
N ASP B 235 22.18 -20.26 15.38
CA ASP B 235 21.34 -20.91 14.39
C ASP B 235 20.62 -22.10 15.00
N LEU B 236 21.33 -22.93 15.77
CA LEU B 236 20.72 -24.13 16.33
C LEU B 236 19.55 -23.79 17.24
N VAL B 237 19.75 -22.85 18.16
CA VAL B 237 18.70 -22.52 19.12
C VAL B 237 17.52 -21.84 18.42
N LEU B 238 17.81 -20.98 17.45
CA LEU B 238 16.72 -20.33 16.72
C LEU B 238 15.91 -21.35 15.93
N SER B 239 16.58 -22.34 15.32
CA SER B 239 15.86 -23.39 14.62
C SER B 239 14.94 -24.14 15.56
N HIS B 240 15.42 -24.46 16.77
CA HIS B 240 14.58 -25.16 17.74
C HIS B 240 13.39 -24.32 18.15
N ILE B 241 13.59 -23.01 18.33
CA ILE B 241 12.51 -22.14 18.79
C ILE B 241 11.37 -22.13 17.77
N LEU B 242 11.70 -21.85 16.51
CA LEU B 242 10.68 -21.73 15.48
C LEU B 242 10.00 -23.07 15.20
N LEU B 243 10.77 -24.17 15.24
CA LEU B 243 10.19 -25.48 15.00
C LEU B 243 9.21 -25.87 16.11
N GLY B 244 9.57 -25.61 17.36
CA GLY B 244 8.63 -25.84 18.43
C GLY B 244 7.32 -25.09 18.23
N ALA B 245 7.41 -23.82 17.81
CA ALA B 245 6.22 -23.04 17.55
C ALA B 245 5.37 -23.69 16.46
N LEU B 246 5.99 -23.96 15.30
CA LEU B 246 5.24 -24.59 14.21
C LEU B 246 4.60 -25.90 14.66
N LYS B 247 5.33 -26.71 15.42
CA LYS B 247 4.77 -27.97 15.89
C LYS B 247 3.60 -27.74 16.85
N ASP B 248 3.74 -26.76 17.76
CA ASP B 248 2.62 -26.44 18.65
C ASP B 248 1.42 -25.93 17.86
N MET B 249 1.68 -25.08 16.86
CA MET B 249 0.59 -24.61 16.00
C MET B 249 -0.09 -25.77 15.28
N ASN B 250 0.66 -26.84 15.01
CA ASN B 250 0.11 -28.06 14.43
C ASN B 250 -0.79 -27.80 13.22
N PRO B 251 -0.29 -27.11 12.20
CA PRO B 251 -1.10 -26.90 11.00
C PRO B 251 -1.37 -28.23 10.28
N GLN B 252 -2.57 -28.34 9.73
CA GLN B 252 -3.03 -29.56 9.08
C GLN B 252 -3.33 -29.29 7.61
N PHE B 253 -3.00 -30.26 6.77
CA PHE B 253 -3.40 -30.16 5.37
C PHE B 253 -4.92 -30.14 5.29
N PRO B 254 -5.50 -29.30 4.43
CA PRO B 254 -6.97 -29.17 4.40
C PRO B 254 -7.63 -30.40 3.82
N ALA B 255 -8.83 -30.67 4.32
CA ALA B 255 -9.63 -31.77 3.80
C ALA B 255 -10.09 -31.45 2.37
N ILE B 256 -10.81 -32.38 1.76
CA ILE B 256 -11.28 -32.24 0.39
C ILE B 256 -12.79 -32.51 0.35
N ASP B 257 -13.43 -31.95 -0.68
CA ASP B 257 -14.86 -32.12 -0.91
C ASP B 257 -15.14 -32.98 -2.13
N TYR B 258 -14.26 -33.93 -2.41
CA TYR B 258 -14.44 -34.83 -3.54
C TYR B 258 -13.78 -36.17 -3.23
N ASP B 259 -14.24 -37.20 -3.93
CA ASP B 259 -13.66 -38.53 -3.81
C ASP B 259 -12.54 -38.67 -4.84
N PRO B 260 -11.27 -38.77 -4.44
CA PRO B 260 -10.19 -38.83 -5.43
C PRO B 260 -10.32 -39.98 -6.41
N SER B 261 -11.04 -41.04 -6.06
CA SER B 261 -11.16 -42.18 -6.96
C SER B 261 -12.23 -41.95 -8.02
N LYS B 262 -13.22 -41.11 -7.75
CA LYS B 262 -14.31 -40.86 -8.68
C LYS B 262 -14.04 -39.74 -9.67
N VAL B 263 -12.87 -39.09 -9.59
CA VAL B 263 -12.54 -37.99 -10.48
C VAL B 263 -11.80 -38.55 -11.69
N VAL B 264 -12.26 -38.17 -12.88
CA VAL B 264 -11.64 -38.58 -14.14
C VAL B 264 -11.07 -37.35 -14.80
N ILE B 265 -9.79 -37.41 -15.19
CA ILE B 265 -9.14 -36.24 -15.75
C ILE B 265 -9.59 -35.99 -17.18
N HIS B 266 -9.99 -37.03 -17.90
CA HIS B 266 -10.57 -36.85 -19.24
C HIS B 266 -12.05 -37.21 -19.23
N MET C 1 24.79 -28.12 -22.74
N MET C 1 25.21 -28.12 -24.18
CA MET C 1 23.96 -27.55 -23.84
CA MET C 1 23.91 -27.53 -23.73
C MET C 1 23.90 -26.03 -23.73
C MET C 1 23.96 -26.00 -23.75
N ASP C 2 23.44 -25.40 -24.81
CA ASP C 2 23.33 -23.94 -24.90
C ASP C 2 21.90 -23.56 -24.52
N ILE C 3 21.76 -22.87 -23.38
CA ILE C 3 20.42 -22.46 -22.96
C ILE C 3 19.84 -21.43 -23.92
N ASP C 4 20.68 -20.79 -24.73
CA ASP C 4 20.18 -19.81 -25.68
C ASP C 4 19.26 -20.43 -26.72
N ASN C 5 19.41 -21.73 -27.00
CA ASN C 5 18.49 -22.41 -27.89
C ASN C 5 17.05 -22.35 -27.36
N TYR C 6 16.89 -22.14 -26.06
CA TYR C 6 15.58 -22.03 -25.45
C TYR C 6 15.05 -20.61 -25.41
N ARG C 7 15.78 -19.63 -25.94
CA ARG C 7 15.34 -18.25 -25.95
C ARG C 7 14.53 -17.95 -27.19
N VAL C 8 13.38 -17.33 -27.00
CA VAL C 8 12.54 -16.89 -28.11
C VAL C 8 13.19 -15.64 -28.72
N LYS C 9 13.68 -15.77 -29.96
CA LYS C 9 14.39 -14.64 -30.57
C LYS C 9 13.39 -13.57 -31.01
N PRO C 10 13.81 -12.30 -30.98
CA PRO C 10 12.87 -11.22 -31.30
C PRO C 10 12.34 -11.32 -32.73
N GLY C 11 11.05 -11.02 -32.88
CA GLY C 11 10.44 -10.92 -34.19
C GLY C 11 10.15 -12.23 -34.89
N LYS C 12 10.34 -13.36 -34.22
CA LYS C 12 10.14 -14.67 -34.81
C LYS C 12 9.00 -15.36 -34.06
N ARG C 13 7.85 -15.51 -34.71
CA ARG C 13 6.71 -16.09 -34.03
C ARG C 13 6.99 -17.52 -33.63
N VAL C 14 6.35 -17.95 -32.54
CA VAL C 14 6.62 -19.22 -31.88
C VAL C 14 5.48 -20.19 -32.16
N LYS C 15 5.83 -21.44 -32.43
CA LYS C 15 4.91 -22.56 -32.39
C LYS C 15 5.44 -23.52 -31.33
N LEU C 16 4.69 -23.69 -30.24
CA LEU C 16 5.18 -24.47 -29.12
C LEU C 16 5.52 -25.90 -29.52
N SER C 17 4.83 -26.44 -30.54
CA SER C 17 5.14 -27.79 -30.99
C SER C 17 6.58 -27.94 -31.44
N ASP C 18 7.25 -26.84 -31.80
CA ASP C 18 8.62 -26.90 -32.30
C ASP C 18 9.67 -26.98 -31.20
N TRP C 19 9.29 -26.78 -29.94
CA TRP C 19 10.20 -26.98 -28.81
C TRP C 19 9.87 -28.30 -28.13
N ALA C 20 10.89 -29.09 -27.87
CA ALA C 20 10.70 -30.33 -27.13
C ALA C 20 10.28 -30.02 -25.69
N THR C 21 9.66 -31.00 -25.05
CA THR C 21 9.19 -30.86 -23.68
C THR C 21 10.05 -31.62 -22.68
N ASN C 22 10.85 -32.58 -23.12
CA ASN C 22 11.57 -33.49 -22.24
C ASN C 22 13.04 -33.58 -22.62
N ASP C 23 13.66 -32.46 -22.94
CA ASP C 23 15.10 -32.48 -23.20
C ASP C 23 15.84 -32.85 -21.92
N ASP C 24 17.06 -33.35 -22.08
CA ASP C 24 17.95 -33.56 -20.96
C ASP C 24 19.40 -33.17 -21.26
N ALA C 25 19.70 -32.73 -22.48
CA ALA C 25 21.04 -32.27 -22.85
C ALA C 25 22.09 -33.38 -22.71
N GLY C 26 21.66 -34.63 -22.68
CA GLY C 26 22.60 -35.74 -22.55
C GLY C 26 23.05 -36.02 -21.13
N LEU C 27 22.31 -35.56 -20.14
CA LEU C 27 22.64 -35.75 -18.74
C LEU C 27 21.63 -36.67 -18.07
N SER C 28 22.11 -37.45 -17.11
CA SER C 28 21.24 -38.22 -16.25
C SER C 28 20.69 -37.34 -15.13
N LYS C 29 19.65 -37.83 -14.46
CA LYS C 29 19.08 -37.07 -13.35
C LYS C 29 20.12 -36.80 -12.28
N GLU C 30 20.99 -37.77 -12.02
CA GLU C 30 22.05 -37.57 -11.03
C GLU C 30 23.02 -36.50 -11.50
N GLU C 31 23.46 -36.58 -12.76
CA GLU C 31 24.38 -35.58 -13.29
C GLU C 31 23.74 -34.20 -13.31
N GLY C 32 22.46 -34.12 -13.69
CA GLY C 32 21.80 -32.82 -13.72
C GLY C 32 21.61 -32.23 -12.33
N GLN C 33 21.04 -33.02 -11.42
CA GLN C 33 20.86 -32.54 -10.05
C GLN C 33 22.18 -32.12 -9.41
N ALA C 34 23.27 -32.81 -9.76
CA ALA C 34 24.56 -32.53 -9.11
C ALA C 34 25.03 -31.12 -9.46
N GLN C 35 25.04 -30.77 -10.75
CA GLN C 35 25.52 -29.45 -11.12
C GLN C 35 24.50 -28.37 -10.76
N THR C 36 23.21 -28.72 -10.72
CA THR C 36 22.22 -27.80 -10.17
C THR C 36 22.55 -27.49 -8.71
N ALA C 37 22.99 -28.50 -7.96
CA ALA C 37 23.40 -28.28 -6.58
C ALA C 37 24.61 -27.36 -6.50
N LYS C 38 25.45 -27.36 -7.54
CA LYS C 38 26.62 -26.50 -7.53
C LYS C 38 26.26 -25.07 -7.91
N LEU C 39 25.36 -24.89 -8.89
CA LEU C 39 24.95 -23.56 -9.28
C LEU C 39 24.22 -22.83 -8.16
N ALA C 40 23.61 -23.57 -7.23
CA ALA C 40 22.96 -22.91 -6.10
C ALA C 40 23.94 -22.07 -5.30
N GLY C 41 25.17 -22.54 -5.14
CA GLY C 41 26.17 -21.74 -4.46
C GLY C 41 26.52 -20.49 -5.23
N GLU C 42 26.57 -20.57 -6.56
CA GLU C 42 26.86 -19.38 -7.35
C GLU C 42 25.70 -18.40 -7.30
N LEU C 43 24.47 -18.90 -7.44
CA LEU C 43 23.30 -18.02 -7.34
C LEU C 43 23.29 -17.26 -6.03
N ALA C 44 23.70 -17.90 -4.94
CA ALA C 44 23.73 -17.22 -3.66
C ALA C 44 24.79 -16.12 -3.63
N GLU C 45 25.98 -16.40 -4.18
CA GLU C 45 27.05 -15.42 -4.16
C GLU C 45 26.67 -14.19 -4.98
N TRP C 46 26.11 -14.38 -6.16
CA TRP C 46 25.80 -13.27 -7.04
C TRP C 46 24.56 -12.51 -6.58
N GLN C 47 23.59 -13.20 -5.97
CA GLN C 47 22.46 -12.50 -5.39
C GLN C 47 22.90 -11.61 -4.23
N GLU C 48 23.88 -12.05 -3.45
CA GLU C 48 24.42 -11.21 -2.38
C GLU C 48 25.05 -9.95 -2.97
N ARG C 49 25.87 -10.10 -4.02
CA ARG C 49 26.46 -8.92 -4.66
C ARG C 49 25.39 -7.98 -5.19
N LEU C 50 24.32 -8.53 -5.78
CA LEU C 50 23.22 -7.69 -6.23
C LEU C 50 22.64 -6.88 -5.08
N TYR C 51 22.38 -7.54 -3.96
CA TYR C 51 21.75 -6.86 -2.81
C TYR C 51 22.71 -5.84 -2.21
N ALA C 52 23.99 -6.19 -2.08
CA ALA C 52 24.97 -5.25 -1.56
C ALA C 52 25.11 -4.03 -2.46
N GLU C 53 25.06 -4.23 -3.78
CA GLU C 53 25.23 -3.10 -4.70
C GLU C 53 24.08 -2.12 -4.59
N GLY C 54 22.84 -2.63 -4.53
CA GLY C 54 21.69 -1.75 -4.38
C GLY C 54 21.41 -0.85 -5.56
N LYS C 55 21.89 -1.21 -6.75
CA LYS C 55 21.64 -0.43 -7.95
C LYS C 55 20.65 -1.08 -8.92
N GLN C 56 20.63 -2.41 -9.00
CA GLN C 56 19.87 -3.13 -10.00
C GLN C 56 18.83 -4.02 -9.32
N SER C 57 18.04 -4.69 -10.15
CA SER C 57 17.07 -5.68 -9.69
C SER C 57 16.86 -6.69 -10.81
N LEU C 58 16.25 -7.81 -10.44
CA LEU C 58 16.01 -8.92 -11.35
C LEU C 58 14.57 -9.36 -11.19
N LEU C 59 13.84 -9.41 -12.30
CA LEU C 59 12.42 -9.79 -12.29
C LEU C 59 12.22 -11.04 -13.13
N LEU C 60 11.90 -12.15 -12.46
CA LEU C 60 11.57 -13.41 -13.12
C LEU C 60 10.05 -13.55 -13.18
N ILE C 61 9.54 -13.80 -14.38
CA ILE C 61 8.12 -13.97 -14.62
C ILE C 61 7.89 -15.42 -15.01
N LEU C 62 7.24 -16.17 -14.14
CA LEU C 62 6.95 -17.58 -14.38
C LEU C 62 5.51 -17.71 -14.87
N GLN C 63 5.34 -18.28 -16.06
CA GLN C 63 4.02 -18.53 -16.63
C GLN C 63 3.98 -19.97 -17.12
N ALA C 64 2.94 -20.70 -16.72
CA ALA C 64 2.85 -22.11 -17.10
C ALA C 64 1.50 -22.64 -16.65
N ARG C 65 1.17 -23.82 -17.14
CA ARG C 65 -0.08 -24.48 -16.83
C ARG C 65 0.06 -25.30 -15.55
N ASP C 66 -1.07 -25.83 -15.07
CA ASP C 66 -1.07 -26.54 -13.81
C ASP C 66 -0.14 -27.75 -13.87
N ALA C 67 0.55 -28.00 -12.77
CA ALA C 67 1.50 -29.10 -12.62
C ALA C 67 2.72 -28.95 -13.52
N ALA C 68 2.97 -27.76 -14.05
CA ALA C 68 4.13 -27.54 -14.91
C ALA C 68 5.41 -27.37 -14.09
N GLY C 69 5.30 -26.89 -12.85
CA GLY C 69 6.45 -26.83 -11.97
C GLY C 69 6.84 -25.43 -11.52
N LYS C 70 5.89 -24.50 -11.54
CA LYS C 70 6.17 -23.16 -11.03
C LYS C 70 6.52 -23.20 -9.55
N ASP C 71 5.65 -23.80 -8.74
CA ASP C 71 5.93 -23.90 -7.31
C ASP C 71 7.20 -24.71 -7.05
N GLY C 72 7.39 -25.80 -7.79
CA GLY C 72 8.59 -26.61 -7.60
C GLY C 72 9.85 -25.92 -8.06
N ALA C 73 9.75 -25.06 -9.08
CA ALA C 73 10.91 -24.28 -9.50
C ALA C 73 11.27 -23.22 -8.46
N VAL C 74 10.26 -22.55 -7.90
CA VAL C 74 10.51 -21.53 -6.90
C VAL C 74 11.16 -22.16 -5.67
N LYS C 75 10.62 -23.29 -5.21
CA LYS C 75 11.12 -23.91 -3.99
C LYS C 75 12.59 -24.31 -4.14
N LYS C 76 12.97 -24.84 -5.29
CA LYS C 76 14.33 -25.35 -5.48
C LYS C 76 15.31 -24.27 -5.94
N VAL C 77 14.98 -23.56 -7.04
CA VAL C 77 15.93 -22.62 -7.62
C VAL C 77 15.92 -21.31 -6.87
N ILE C 78 14.74 -20.71 -6.71
CA ILE C 78 14.66 -19.44 -5.99
C ILE C 78 14.97 -19.61 -4.51
N GLY C 79 14.83 -20.82 -3.98
CA GLY C 79 15.23 -21.09 -2.62
C GLY C 79 16.72 -21.00 -2.37
N ALA C 80 17.53 -20.94 -3.44
CA ALA C 80 18.97 -20.79 -3.29
C ALA C 80 19.35 -19.38 -2.84
N PHE C 81 18.51 -18.39 -3.11
CA PHE C 81 18.80 -17.01 -2.73
C PHE C 81 18.60 -16.82 -1.23
N ASN C 82 19.21 -15.76 -0.72
CA ASN C 82 18.91 -15.30 0.63
C ASN C 82 17.49 -14.75 0.63
N PRO C 83 16.56 -15.32 1.40
CA PRO C 83 15.16 -14.87 1.30
C PRO C 83 14.98 -13.40 1.65
N ALA C 84 15.92 -12.76 2.33
CA ALA C 84 15.78 -11.34 2.65
C ALA C 84 15.97 -10.45 1.44
N GLY C 85 16.47 -10.98 0.33
CA GLY C 85 16.63 -10.20 -0.88
C GLY C 85 15.75 -10.68 -2.02
N VAL C 86 14.58 -11.21 -1.69
CA VAL C 86 13.67 -11.79 -2.68
C VAL C 86 12.25 -11.43 -2.31
N GLN C 87 11.44 -11.14 -3.32
CA GLN C 87 10.01 -10.87 -3.14
C GLN C 87 9.23 -11.72 -4.14
N ILE C 88 8.36 -12.59 -3.63
CA ILE C 88 7.58 -13.50 -4.45
C ILE C 88 6.12 -13.07 -4.39
N THR C 89 5.50 -12.92 -5.56
CA THR C 89 4.10 -12.58 -5.67
C THR C 89 3.41 -13.61 -6.56
N SER C 90 2.35 -14.22 -6.06
CA SER C 90 1.52 -15.14 -6.82
C SER C 90 0.20 -14.41 -7.10
N PHE C 91 0.04 -13.93 -8.32
CA PHE C 91 -1.13 -13.15 -8.69
C PHE C 91 -2.32 -14.07 -8.92
N LYS C 92 -3.31 -13.98 -8.05
CA LYS C 92 -4.53 -14.76 -8.16
C LYS C 92 -5.54 -13.96 -9.00
N GLN C 93 -6.82 -14.33 -8.93
CA GLN C 93 -7.83 -13.57 -9.64
C GLN C 93 -7.91 -12.16 -9.06
N PRO C 94 -7.99 -11.12 -9.90
CA PRO C 94 -7.98 -9.75 -9.38
C PRO C 94 -9.15 -9.49 -8.45
N SER C 95 -8.87 -8.80 -7.35
CA SER C 95 -9.89 -8.41 -6.39
C SER C 95 -10.73 -7.28 -6.98
N ALA C 96 -11.73 -6.83 -6.21
CA ALA C 96 -12.59 -5.75 -6.67
C ALA C 96 -11.81 -4.45 -6.82
N GLU C 97 -11.04 -4.07 -5.79
CA GLU C 97 -10.25 -2.86 -5.89
C GLU C 97 -9.28 -2.94 -7.06
N GLU C 98 -8.68 -4.11 -7.29
CA GLU C 98 -7.74 -4.25 -8.39
C GLU C 98 -8.45 -4.12 -9.74
N LEU C 99 -9.68 -4.65 -9.84
CA LEU C 99 -10.41 -4.55 -11.09
C LEU C 99 -10.85 -3.12 -11.41
N SER C 100 -10.98 -2.27 -10.39
CA SER C 100 -11.34 -0.87 -10.62
C SER C 100 -10.18 -0.03 -11.13
N HIS C 101 -9.02 -0.63 -11.34
CA HIS C 101 -7.87 0.03 -11.93
C HIS C 101 -7.46 -0.67 -13.22
N ASP C 102 -6.51 -0.06 -13.93
CA ASP C 102 -5.94 -0.73 -15.09
C ASP C 102 -5.27 -2.03 -14.65
N PHE C 103 -5.16 -2.97 -15.59
CA PHE C 103 -4.71 -4.32 -15.25
C PHE C 103 -3.25 -4.36 -14.82
N LEU C 104 -2.47 -3.31 -15.08
CA LEU C 104 -1.09 -3.26 -14.63
C LEU C 104 -0.93 -2.55 -13.29
N TRP C 105 -2.02 -1.99 -12.74
CA TRP C 105 -1.93 -1.26 -11.49
C TRP C 105 -1.41 -2.16 -10.36
N ARG C 106 -1.99 -3.35 -10.21
CA ARG C 106 -1.52 -4.27 -9.18
C ARG C 106 -0.16 -4.85 -9.55
N ILE C 107 0.10 -5.05 -10.83
CA ILE C 107 1.37 -5.63 -11.25
C ILE C 107 2.52 -4.66 -10.98
N HIS C 108 2.32 -3.39 -11.32
CA HIS C 108 3.37 -2.40 -11.11
C HIS C 108 3.71 -2.27 -9.63
N GLN C 109 2.71 -2.34 -8.76
CA GLN C 109 2.94 -2.15 -7.33
C GLN C 109 3.93 -3.17 -6.78
N LYS C 110 4.07 -4.33 -7.43
CA LYS C 110 4.95 -5.39 -6.96
C LYS C 110 6.26 -5.48 -7.76
N ALA C 111 6.51 -4.52 -8.63
CA ALA C 111 7.81 -4.47 -9.30
C ALA C 111 8.91 -4.41 -8.25
N PRO C 112 10.06 -5.06 -8.49
CA PRO C 112 11.08 -5.16 -7.44
C PRO C 112 11.81 -3.86 -7.22
N ALA C 113 12.25 -3.66 -5.98
CA ALA C 113 13.04 -2.50 -5.62
C ALA C 113 14.52 -2.78 -5.88
N LYS C 114 15.32 -1.70 -5.88
CA LYS C 114 16.74 -1.83 -6.14
C LYS C 114 17.38 -2.81 -5.17
N GLY C 115 18.26 -3.66 -5.70
CA GLY C 115 18.96 -4.66 -4.91
C GLY C 115 18.23 -5.98 -4.76
N TYR C 116 17.00 -6.09 -5.26
CA TYR C 116 16.14 -7.22 -4.98
C TYR C 116 15.95 -8.11 -6.21
N VAL C 117 15.66 -9.38 -5.95
CA VAL C 117 15.16 -10.30 -6.96
C VAL C 117 13.65 -10.40 -6.78
N GLY C 118 12.91 -10.20 -7.87
CA GLY C 118 11.47 -10.30 -7.84
C GLY C 118 11.00 -11.44 -8.73
N VAL C 119 9.97 -12.14 -8.28
CA VAL C 119 9.41 -13.27 -9.02
C VAL C 119 7.90 -13.06 -9.12
N PHE C 120 7.36 -13.27 -10.32
CA PHE C 120 5.93 -13.19 -10.56
C PHE C 120 5.45 -14.60 -10.92
N ASN C 121 4.88 -15.29 -9.95
CA ASN C 121 4.22 -16.57 -10.18
C ASN C 121 2.83 -16.25 -10.76
N ARG C 122 2.69 -16.41 -12.08
CA ARG C 122 1.60 -15.80 -12.82
C ARG C 122 1.78 -14.29 -12.76
N SER C 123 1.53 -13.59 -13.86
CA SER C 123 1.98 -12.21 -13.98
C SER C 123 0.97 -11.44 -14.83
N GLN C 124 1.41 -10.30 -15.38
CA GLN C 124 0.54 -9.49 -16.23
C GLN C 124 0.05 -10.24 -17.46
N TYR C 125 0.79 -11.27 -17.89
CA TYR C 125 0.35 -12.03 -19.06
C TYR C 125 -0.91 -12.83 -18.77
N GLU C 126 -1.23 -13.08 -17.50
CA GLU C 126 -2.51 -13.69 -17.17
C GLU C 126 -3.65 -12.91 -17.78
N ASP C 127 -3.51 -11.59 -17.93
CA ASP C 127 -4.56 -10.73 -18.44
C ASP C 127 -4.66 -10.75 -19.96
N VAL C 128 -3.88 -11.57 -20.65
CA VAL C 128 -4.02 -11.75 -22.09
C VAL C 128 -3.98 -13.24 -22.41
N LEU C 129 -4.15 -14.08 -21.38
CA LEU C 129 -4.17 -15.53 -21.56
C LEU C 129 -5.53 -16.09 -21.21
N VAL C 130 -5.81 -16.24 -19.90
CA VAL C 130 -7.09 -16.80 -19.47
C VAL C 130 -8.24 -15.90 -19.90
N THR C 131 -8.01 -14.60 -19.98
CA THR C 131 -9.06 -13.66 -20.38
C THR C 131 -9.49 -13.87 -21.84
N ARG C 132 -8.62 -14.43 -22.68
CA ARG C 132 -8.97 -14.68 -24.06
C ARG C 132 -9.57 -16.06 -24.26
N VAL C 133 -9.02 -17.07 -23.60
CA VAL C 133 -9.53 -18.44 -23.76
C VAL C 133 -11.00 -18.49 -23.40
N TYR C 134 -11.45 -17.66 -22.46
CA TYR C 134 -12.85 -17.62 -22.03
C TYR C 134 -13.53 -16.32 -22.44
N ASP C 135 -13.00 -15.64 -23.45
CA ASP C 135 -13.67 -14.52 -24.11
C ASP C 135 -14.15 -13.48 -23.12
N MET C 136 -13.32 -13.20 -22.11
CA MET C 136 -13.55 -12.03 -21.27
C MET C 136 -13.15 -10.75 -21.99
N ILE C 137 -12.16 -10.82 -22.88
CA ILE C 137 -11.73 -9.69 -23.69
C ILE C 137 -11.59 -10.16 -25.13
N ASP C 138 -11.71 -9.22 -26.05
CA ASP C 138 -11.60 -9.52 -27.46
C ASP C 138 -10.15 -9.37 -27.93
N ASP C 139 -9.91 -9.75 -29.18
CA ASP C 139 -8.55 -9.73 -29.71
C ASP C 139 -7.98 -8.33 -29.76
N LYS C 140 -8.81 -7.35 -30.11
CA LYS C 140 -8.35 -5.96 -30.13
C LYS C 140 -7.87 -5.55 -28.75
N THR C 141 -8.63 -5.85 -27.71
CA THR C 141 -8.20 -5.55 -26.35
C THR C 141 -6.92 -6.29 -26.01
N ALA C 142 -6.83 -7.57 -26.39
CA ALA C 142 -5.63 -8.35 -26.10
C ALA C 142 -4.41 -7.74 -26.78
N LYS C 143 -4.51 -7.46 -28.09
CA LYS C 143 -3.38 -6.88 -28.80
C LYS C 143 -2.93 -5.58 -28.17
N ARG C 144 -3.88 -4.73 -27.77
CA ARG C 144 -3.52 -3.46 -27.14
C ARG C 144 -2.93 -3.69 -25.75
N ARG C 145 -3.47 -4.67 -25.01
CA ARG C 145 -2.89 -5.00 -23.72
C ARG C 145 -1.46 -5.49 -23.86
N LEU C 146 -1.16 -6.22 -24.94
CA LEU C 146 0.20 -6.69 -25.16
C LEU C 146 1.13 -5.52 -25.45
N GLU C 147 0.66 -4.49 -26.14
CA GLU C 147 1.48 -3.30 -26.34
C GLU C 147 1.76 -2.61 -25.01
N HIS C 148 0.76 -2.51 -24.14
CA HIS C 148 0.99 -1.93 -22.82
C HIS C 148 1.97 -2.76 -22.01
N ILE C 149 1.98 -4.08 -22.21
CA ILE C 149 2.92 -4.93 -21.48
C ILE C 149 4.35 -4.67 -21.95
N ARG C 150 4.55 -4.54 -23.26
CA ARG C 150 5.87 -4.17 -23.75
C ARG C 150 6.31 -2.84 -23.17
N HIS C 151 5.43 -1.83 -23.24
CA HIS C 151 5.75 -0.52 -22.66
C HIS C 151 6.08 -0.63 -21.18
N PHE C 152 5.33 -1.45 -20.45
CA PHE C 152 5.61 -1.64 -19.03
C PHE C 152 6.98 -2.27 -18.82
N GLU C 153 7.28 -3.34 -19.56
CA GLU C 153 8.57 -4.01 -19.40
C GLU C 153 9.72 -3.10 -19.82
N GLU C 154 9.48 -2.20 -20.78
CA GLU C 154 10.50 -1.22 -21.16
C GLU C 154 10.76 -0.23 -20.02
N LEU C 155 9.70 0.21 -19.33
CA LEU C 155 9.88 1.13 -18.21
C LEU C 155 10.81 0.53 -17.16
N LEU C 156 10.55 -0.73 -16.77
CA LEU C 156 11.39 -1.35 -15.76
C LEU C 156 12.81 -1.57 -16.25
N THR C 157 12.98 -1.82 -17.56
CA THR C 157 14.32 -2.03 -18.10
C THR C 157 15.17 -0.77 -17.97
N ASP C 158 14.60 0.38 -18.30
CA ASP C 158 15.30 1.64 -18.10
C ASP C 158 15.51 1.96 -16.62
N ASN C 159 14.90 1.19 -15.72
CA ASN C 159 15.06 1.39 -14.29
C ASN C 159 16.13 0.46 -13.71
N ALA C 160 16.85 -0.27 -14.55
CA ALA C 160 17.83 -1.26 -14.14
C ALA C 160 17.20 -2.54 -13.61
N THR C 161 15.94 -2.79 -13.94
CA THR C 161 15.27 -4.06 -13.60
C THR C 161 15.44 -5.01 -14.77
N ARG C 162 16.26 -6.04 -14.59
CA ARG C 162 16.52 -7.03 -15.64
C ARG C 162 15.35 -8.00 -15.67
N ILE C 163 14.58 -7.99 -16.75
CA ILE C 163 13.40 -8.84 -16.86
C ILE C 163 13.77 -10.13 -17.56
N VAL C 164 13.32 -11.25 -16.99
CA VAL C 164 13.45 -12.57 -17.59
C VAL C 164 12.09 -13.24 -17.48
N LYS C 165 11.56 -13.68 -18.62
CA LYS C 165 10.27 -14.36 -18.68
C LYS C 165 10.50 -15.82 -19.08
N VAL C 166 10.00 -16.74 -18.27
CA VAL C 166 10.19 -18.17 -18.49
C VAL C 166 8.84 -18.85 -18.58
N TYR C 167 8.66 -19.64 -19.63
CA TYR C 167 7.48 -20.48 -19.81
C TYR C 167 7.90 -21.94 -19.68
N LEU C 168 7.34 -22.62 -18.69
CA LEU C 168 7.65 -24.03 -18.47
C LEU C 168 6.78 -24.87 -19.41
N HIS C 169 7.43 -25.67 -20.25
CA HIS C 169 6.79 -26.31 -21.40
C HIS C 169 6.73 -27.81 -21.16
N ILE C 170 5.52 -28.32 -20.88
CA ILE C 170 5.32 -29.74 -20.65
C ILE C 170 4.22 -30.26 -21.57
N SER C 171 4.22 -31.57 -21.76
CA SER C 171 3.27 -32.26 -22.62
C SER C 171 1.99 -32.55 -21.86
N PRO C 172 0.88 -32.80 -22.57
CA PRO C 172 -0.37 -33.12 -21.88
C PRO C 172 -0.31 -34.42 -21.10
N GLU C 173 0.34 -35.47 -21.64
CA GLU C 173 0.41 -36.73 -20.91
C GLU C 173 1.23 -36.57 -19.63
N GLU C 174 2.32 -35.81 -19.70
CA GLU C 174 3.07 -35.49 -18.48
C GLU C 174 2.18 -34.80 -17.46
N GLN C 175 1.41 -33.80 -17.90
CA GLN C 175 0.47 -33.14 -17.00
C GLN C 175 -0.52 -34.15 -16.43
N LYS C 176 -1.04 -35.06 -17.26
CA LYS C 176 -2.04 -36.01 -16.79
C LYS C 176 -1.49 -36.85 -15.65
N GLU C 177 -0.27 -37.35 -15.81
CA GLU C 177 0.36 -38.13 -14.75
C GLU C 177 0.49 -37.32 -13.47
N ARG C 178 1.00 -36.08 -13.59
CA ARG C 178 1.21 -35.24 -12.42
C ARG C 178 -0.12 -34.90 -11.75
N LEU C 179 -1.16 -34.62 -12.55
CA LEU C 179 -2.46 -34.31 -11.98
C LEU C 179 -3.05 -35.53 -11.28
N GLN C 180 -3.00 -36.70 -11.93
CA GLN C 180 -3.48 -37.91 -11.29
C GLN C 180 -2.68 -38.24 -10.04
N ALA C 181 -1.38 -37.91 -10.04
CA ALA C 181 -0.55 -38.17 -8.87
C ALA C 181 -1.02 -37.36 -7.67
N ARG C 182 -1.46 -36.12 -7.90
CA ARG C 182 -2.00 -35.32 -6.80
C ARG C 182 -3.24 -35.99 -6.21
N LEU C 183 -4.09 -36.56 -7.07
CA LEU C 183 -5.34 -37.16 -6.60
C LEU C 183 -5.08 -38.46 -5.83
N ASP C 184 -4.06 -39.22 -6.22
CA ASP C 184 -3.83 -40.52 -5.61
C ASP C 184 -3.13 -40.40 -4.26
N ASN C 185 -2.11 -39.54 -4.16
CA ASN C 185 -1.32 -39.43 -2.94
C ASN C 185 -1.95 -38.40 -2.01
N PRO C 186 -2.33 -38.77 -0.79
CA PRO C 186 -2.83 -37.75 0.15
C PRO C 186 -1.74 -36.73 0.45
N GLY C 187 -2.15 -35.63 1.07
CA GLY C 187 -1.29 -34.49 1.29
C GLY C 187 -1.04 -33.65 0.06
N LYS C 188 -1.27 -34.22 -1.13
CA LYS C 188 -1.26 -33.48 -2.38
C LYS C 188 -2.66 -33.06 -2.81
N HIS C 189 -3.68 -33.49 -2.07
CA HIS C 189 -5.07 -33.27 -2.48
C HIS C 189 -5.43 -31.79 -2.51
N TRP C 190 -4.75 -30.95 -1.76
CA TRP C 190 -5.17 -29.57 -1.56
C TRP C 190 -4.80 -28.65 -2.72
N LYS C 191 -4.04 -29.12 -3.70
CA LYS C 191 -3.68 -28.32 -4.86
C LYS C 191 -4.48 -28.67 -6.11
N PHE C 192 -5.43 -29.60 -6.01
CA PHE C 192 -6.23 -30.00 -7.15
C PHE C 192 -7.59 -29.30 -7.09
N ASN C 193 -8.05 -28.83 -8.25
CA ASN C 193 -9.33 -28.16 -8.37
C ASN C 193 -9.97 -28.57 -9.68
N PRO C 194 -11.30 -28.77 -9.71
CA PRO C 194 -11.96 -29.09 -10.99
C PRO C 194 -11.68 -28.06 -12.06
N GLY C 195 -11.33 -26.84 -11.67
CA GLY C 195 -10.98 -25.83 -12.64
C GLY C 195 -9.67 -26.10 -13.35
N ASP C 196 -8.74 -26.77 -12.67
CA ASP C 196 -7.50 -27.18 -13.33
C ASP C 196 -7.80 -28.04 -14.55
N LEU C 197 -8.82 -28.90 -14.45
CA LEU C 197 -9.24 -29.71 -15.59
C LEU C 197 -9.96 -28.89 -16.66
N LYS C 198 -10.54 -27.76 -16.27
CA LYS C 198 -11.21 -26.89 -17.25
C LYS C 198 -10.20 -26.30 -18.22
N ASP C 199 -9.14 -25.69 -17.69
CA ASP C 199 -8.10 -25.13 -18.56
C ASP C 199 -7.44 -26.21 -19.40
N ARG C 200 -7.29 -27.41 -18.84
CA ARG C 200 -6.67 -28.51 -19.60
C ARG C 200 -7.48 -28.82 -20.84
N SER C 201 -8.83 -28.79 -20.74
CA SER C 201 -9.67 -29.06 -21.89
C SER C 201 -9.45 -28.05 -23.01
N ASN C 202 -8.90 -26.87 -22.69
CA ASN C 202 -8.63 -25.84 -23.68
C ASN C 202 -7.13 -25.74 -23.99
N TRP C 203 -6.43 -26.88 -23.96
CA TRP C 203 -4.99 -26.88 -24.21
C TRP C 203 -4.66 -26.15 -25.51
N ASP C 204 -5.32 -26.54 -26.60
CA ASP C 204 -5.00 -25.96 -27.91
C ASP C 204 -5.26 -24.47 -27.96
N LYS C 205 -6.30 -23.99 -27.25
CA LYS C 205 -6.54 -22.55 -27.21
C LYS C 205 -5.45 -21.83 -26.44
N PHE C 206 -4.90 -22.47 -25.40
CA PHE C 206 -3.82 -21.84 -24.64
C PHE C 206 -2.51 -21.84 -25.44
N ASN C 207 -2.29 -22.85 -26.27
CA ASN C 207 -1.15 -22.80 -27.18
C ASN C 207 -1.18 -21.53 -28.01
N ASP C 208 -2.36 -21.16 -28.52
CA ASP C 208 -2.46 -19.99 -29.39
C ASP C 208 -2.19 -18.70 -28.62
N VAL C 209 -2.86 -18.51 -27.48
CA VAL C 209 -2.70 -17.25 -26.75
C VAL C 209 -1.29 -17.14 -26.18
N TYR C 210 -0.68 -18.26 -25.78
CA TYR C 210 0.70 -18.21 -25.31
C TYR C 210 1.64 -17.82 -26.45
N GLU C 211 1.44 -18.38 -27.64
CA GLU C 211 2.26 -18.00 -28.78
C GLU C 211 2.13 -16.52 -29.10
N ASP C 212 0.95 -15.93 -28.86
CA ASP C 212 0.80 -14.48 -28.99
C ASP C 212 1.56 -13.76 -27.89
N ALA C 213 1.45 -14.24 -26.65
CA ALA C 213 2.14 -13.59 -25.55
C ALA C 213 3.64 -13.64 -25.72
N LEU C 214 4.16 -14.72 -26.32
CA LEU C 214 5.60 -14.86 -26.52
C LEU C 214 6.16 -13.87 -27.53
N THR C 215 5.31 -13.14 -28.26
CA THR C 215 5.81 -12.14 -29.20
C THR C 215 6.41 -10.93 -28.49
N THR C 216 6.25 -10.82 -27.18
CA THR C 216 6.91 -9.78 -26.39
C THR C 216 8.39 -10.07 -26.14
N SER C 217 8.91 -11.15 -26.72
CA SER C 217 10.31 -11.52 -26.48
C SER C 217 11.23 -10.56 -27.21
N THR C 218 12.07 -9.86 -26.44
CA THR C 218 13.06 -8.94 -26.98
C THR C 218 14.41 -9.28 -26.39
N ASP C 219 15.45 -8.59 -26.88
CA ASP C 219 16.77 -8.76 -26.28
C ASP C 219 16.77 -8.35 -24.81
N ASP C 220 16.06 -7.27 -24.47
CA ASP C 220 16.04 -6.78 -23.10
C ASP C 220 15.08 -7.56 -22.22
N ALA C 221 14.02 -8.13 -22.79
CA ALA C 221 12.98 -8.81 -22.03
C ALA C 221 12.64 -10.11 -22.74
N PRO C 222 13.53 -11.10 -22.69
CA PRO C 222 13.33 -12.32 -23.46
C PRO C 222 12.38 -13.30 -22.78
N TRP C 223 11.66 -14.04 -23.62
CA TRP C 223 10.98 -15.24 -23.19
C TRP C 223 11.90 -16.44 -23.33
N TYR C 224 11.70 -17.44 -22.47
CA TYR C 224 12.38 -18.72 -22.57
C TYR C 224 11.35 -19.83 -22.51
N VAL C 225 11.42 -20.76 -23.45
CA VAL C 225 10.63 -21.99 -23.42
C VAL C 225 11.53 -23.08 -22.84
N VAL C 226 11.25 -23.50 -21.62
CA VAL C 226 12.09 -24.44 -20.89
C VAL C 226 11.39 -25.80 -20.88
N PRO C 227 11.97 -26.84 -21.47
CA PRO C 227 11.37 -28.18 -21.35
C PRO C 227 11.32 -28.63 -19.89
N ALA C 228 10.11 -28.77 -19.36
CA ALA C 228 9.92 -29.02 -17.94
C ALA C 228 9.36 -30.41 -17.64
N ASP C 229 9.33 -31.31 -18.62
CA ASP C 229 8.88 -32.67 -18.34
C ASP C 229 9.76 -33.34 -17.30
N ARG C 230 11.07 -33.07 -17.35
CA ARG C 230 12.01 -33.53 -16.33
C ARG C 230 12.20 -32.40 -15.32
N LYS C 231 11.69 -32.59 -14.11
CA LYS C 231 11.76 -31.52 -13.11
C LYS C 231 13.20 -31.11 -12.86
N TRP C 232 14.13 -32.06 -12.89
CA TRP C 232 15.53 -31.72 -12.64
C TRP C 232 16.12 -30.90 -13.77
N TYR C 233 15.66 -31.12 -15.00
CA TYR C 233 16.14 -30.30 -16.12
C TYR C 233 15.57 -28.90 -16.04
N ARG C 234 14.29 -28.78 -15.69
CA ARG C 234 13.70 -27.47 -15.41
C ARG C 234 14.56 -26.69 -14.43
N ASP C 235 14.81 -27.27 -13.24
CA ASP C 235 15.61 -26.57 -12.25
C ASP C 235 16.99 -26.23 -12.78
N LEU C 236 17.59 -27.16 -13.53
CA LEU C 236 18.94 -26.93 -14.05
C LEU C 236 18.95 -25.77 -15.03
N VAL C 237 18.01 -25.76 -15.97
CA VAL C 237 17.99 -24.72 -16.99
C VAL C 237 17.64 -23.38 -16.37
N LEU C 238 16.73 -23.38 -15.38
CA LEU C 238 16.36 -22.13 -14.73
C LEU C 238 17.53 -21.56 -13.93
N SER C 239 18.30 -22.42 -13.28
CA SER C 239 19.52 -21.96 -12.62
C SER C 239 20.44 -21.27 -13.62
N HIS C 240 20.64 -21.88 -14.78
CA HIS C 240 21.50 -21.27 -15.80
C HIS C 240 20.94 -19.94 -16.26
N ILE C 241 19.61 -19.82 -16.35
CA ILE C 241 19.01 -18.58 -16.83
C ILE C 241 19.24 -17.45 -15.83
N LEU C 242 18.96 -17.71 -14.54
CA LEU C 242 19.05 -16.66 -13.54
C LEU C 242 20.50 -16.31 -13.23
N LEU C 243 21.39 -17.30 -13.21
CA LEU C 243 22.79 -17.03 -12.92
C LEU C 243 23.45 -16.28 -14.06
N GLY C 244 23.21 -16.70 -15.30
CA GLY C 244 23.73 -15.96 -16.43
C GLY C 244 23.23 -14.53 -16.44
N ALA C 245 21.98 -14.31 -16.05
CA ALA C 245 21.45 -12.96 -15.95
C ALA C 245 22.19 -12.16 -14.89
N LEU C 246 22.40 -12.74 -13.72
CA LEU C 246 23.09 -12.04 -12.64
C LEU C 246 24.53 -11.73 -13.03
N LYS C 247 25.19 -12.66 -13.73
CA LYS C 247 26.57 -12.42 -14.13
C LYS C 247 26.68 -11.29 -15.13
N ASP C 248 25.76 -11.22 -16.10
CA ASP C 248 25.77 -10.10 -17.03
C ASP C 248 25.50 -8.79 -16.31
N MET C 249 24.58 -8.81 -15.33
CA MET C 249 24.34 -7.61 -14.54
C MET C 249 25.59 -7.19 -13.78
N ASN C 250 26.44 -8.15 -13.42
CA ASN C 250 27.76 -7.88 -12.86
C ASN C 250 27.68 -6.86 -11.71
N PRO C 251 26.97 -7.18 -10.64
CA PRO C 251 26.92 -6.26 -9.49
C PRO C 251 28.26 -6.17 -8.78
N GLN C 252 28.60 -4.97 -8.35
CA GLN C 252 29.83 -4.70 -7.64
C GLN C 252 29.51 -4.26 -6.22
N PHE C 253 30.29 -4.74 -5.26
CA PHE C 253 30.09 -4.33 -3.89
C PHE C 253 30.18 -2.81 -3.79
N PRO C 254 29.45 -2.22 -2.86
CA PRO C 254 29.36 -0.75 -2.81
C PRO C 254 30.61 -0.12 -2.23
N ALA C 255 30.86 1.12 -2.65
CA ALA C 255 31.99 1.87 -2.15
C ALA C 255 31.78 2.25 -0.69
N ILE C 256 32.85 2.78 -0.09
CA ILE C 256 32.83 3.23 1.30
C ILE C 256 33.31 4.68 1.34
N ASP C 257 32.96 5.37 2.42
CA ASP C 257 33.31 6.77 2.63
C ASP C 257 34.16 6.95 3.87
N TYR C 258 35.03 5.99 4.15
CA TYR C 258 35.91 6.07 5.31
C TYR C 258 37.22 5.36 5.01
N ASP C 259 38.25 5.67 5.81
CA ASP C 259 39.54 5.01 5.73
C ASP C 259 39.57 3.90 6.75
N PRO C 260 39.48 2.63 6.36
CA PRO C 260 39.43 1.56 7.37
C PRO C 260 40.66 1.51 8.27
N SER C 261 41.82 1.94 7.77
CA SER C 261 43.04 1.84 8.57
C SER C 261 43.04 2.84 9.71
N LYS C 262 42.33 3.95 9.57
CA LYS C 262 42.29 4.99 10.59
C LYS C 262 41.14 4.81 11.58
N VAL C 263 40.38 3.73 11.48
CA VAL C 263 39.28 3.45 12.40
C VAL C 263 39.84 2.74 13.62
N VAL C 264 39.60 3.31 14.79
CA VAL C 264 40.04 2.74 16.06
C VAL C 264 38.80 2.35 16.85
N ILE C 265 38.56 1.05 16.99
CA ILE C 265 37.42 0.56 17.76
C ILE C 265 37.79 0.56 19.24
N HIS C 266 36.91 1.15 20.05
CA HIS C 266 37.14 1.24 21.50
C HIS C 266 36.33 0.18 22.25
N MET D 1 -29.87 24.55 22.51
CA MET D 1 -29.21 23.26 22.17
C MET D 1 -27.86 23.12 22.88
N ASP D 2 -27.72 22.05 23.66
CA ASP D 2 -26.44 21.64 24.22
C ASP D 2 -26.02 20.36 23.52
N ILE D 3 -24.99 20.46 22.68
CA ILE D 3 -24.53 19.31 21.91
C ILE D 3 -24.13 18.17 22.83
N ASP D 4 -23.68 18.48 24.05
CA ASP D 4 -23.21 17.45 24.95
C ASP D 4 -24.32 16.49 25.35
N ASN D 5 -25.59 16.93 25.29
CA ASN D 5 -26.69 16.03 25.57
C ASN D 5 -26.70 14.81 24.65
N TYR D 6 -26.05 14.91 23.50
CA TYR D 6 -26.00 13.81 22.53
C TYR D 6 -24.76 12.95 22.70
N ARG D 7 -23.90 13.23 23.69
CA ARG D 7 -22.68 12.46 23.90
C ARG D 7 -22.94 11.31 24.86
N VAL D 8 -22.60 10.10 24.43
CA VAL D 8 -22.71 8.91 25.28
C VAL D 8 -21.67 9.04 26.40
N LYS D 9 -22.13 9.23 27.62
CA LYS D 9 -21.21 9.46 28.72
C LYS D 9 -20.47 8.17 29.07
N PRO D 10 -19.22 8.27 29.53
CA PRO D 10 -18.44 7.04 29.81
C PRO D 10 -19.09 6.19 30.89
N GLY D 11 -19.08 4.87 30.66
CA GLY D 11 -19.50 3.91 31.65
C GLY D 11 -20.99 3.76 31.84
N LYS D 12 -21.80 4.37 30.98
CA LYS D 12 -23.26 4.36 31.13
C LYS D 12 -23.85 3.67 29.91
N ARG D 13 -24.45 2.50 30.11
CA ARG D 13 -25.01 1.75 28.99
C ARG D 13 -26.19 2.49 28.38
N VAL D 14 -26.50 2.15 27.14
CA VAL D 14 -27.42 2.91 26.30
C VAL D 14 -28.59 2.02 25.90
N LYS D 15 -29.79 2.60 25.91
CA LYS D 15 -31.00 2.00 25.37
C LYS D 15 -31.55 2.98 24.34
N LEU D 16 -31.27 2.75 23.05
CA LEU D 16 -31.52 3.77 22.04
C LEU D 16 -32.89 4.42 22.14
N SER D 17 -33.87 3.74 22.74
CA SER D 17 -35.19 4.35 22.92
C SER D 17 -35.14 5.60 23.77
N ASP D 18 -34.07 5.80 24.55
CA ASP D 18 -33.97 6.97 25.42
C ASP D 18 -33.49 8.22 24.71
N TRP D 19 -32.96 8.10 23.48
CA TRP D 19 -32.56 9.26 22.70
C TRP D 19 -33.60 9.53 21.62
N ALA D 20 -33.98 10.79 21.48
CA ALA D 20 -34.95 11.16 20.46
C ALA D 20 -34.34 11.01 19.08
N THR D 21 -35.21 10.90 18.08
CA THR D 21 -34.79 10.77 16.69
C THR D 21 -35.11 12.00 15.84
N ASN D 22 -35.98 12.89 16.32
CA ASN D 22 -36.49 13.99 15.51
C ASN D 22 -36.40 15.32 16.25
N ASP D 23 -35.31 15.53 17.00
CA ASP D 23 -35.13 16.81 17.66
C ASP D 23 -34.98 17.92 16.63
N ASP D 24 -35.28 19.15 17.05
CA ASP D 24 -35.00 20.32 16.26
C ASP D 24 -34.50 21.51 17.08
N ALA D 25 -34.31 21.35 18.39
CA ALA D 25 -33.77 22.39 19.26
C ALA D 25 -34.58 23.67 19.20
N GLY D 26 -35.83 23.61 18.76
CA GLY D 26 -36.66 24.78 18.69
C GLY D 26 -36.39 25.68 17.51
N LEU D 27 -35.74 25.16 16.47
CA LEU D 27 -35.38 25.93 15.30
C LEU D 27 -36.19 25.47 14.09
N SER D 28 -36.43 26.41 13.18
CA SER D 28 -37.01 26.08 11.89
C SER D 28 -35.93 25.58 10.94
N LYS D 29 -36.37 24.88 9.90
CA LYS D 29 -35.43 24.39 8.90
C LYS D 29 -34.61 25.53 8.33
N GLU D 30 -35.22 26.70 8.13
CA GLU D 30 -34.50 27.85 7.61
C GLU D 30 -33.49 28.36 8.64
N GLU D 31 -33.91 28.47 9.90
CA GLU D 31 -33.00 28.91 10.94
C GLU D 31 -31.84 27.93 11.12
N GLY D 32 -32.11 26.63 10.95
CA GLY D 32 -31.04 25.65 11.04
C GLY D 32 -30.10 25.71 9.86
N GLN D 33 -30.65 25.70 8.64
CA GLN D 33 -29.82 25.76 7.45
C GLN D 33 -28.96 27.02 7.44
N ALA D 34 -29.50 28.13 7.94
CA ALA D 34 -28.73 29.37 7.98
C ALA D 34 -27.56 29.24 8.95
N GLN D 35 -27.81 28.66 10.12
CA GLN D 35 -26.73 28.48 11.10
C GLN D 35 -25.69 27.48 10.59
N THR D 36 -26.13 26.43 9.90
CA THR D 36 -25.20 25.49 9.30
C THR D 36 -24.32 26.16 8.26
N ALA D 37 -24.92 27.02 7.43
CA ALA D 37 -24.15 27.73 6.41
C ALA D 37 -23.07 28.61 7.03
N LYS D 38 -23.32 29.13 8.24
CA LYS D 38 -22.32 29.94 8.93
C LYS D 38 -21.19 29.08 9.49
N LEU D 39 -21.54 27.95 10.09
CA LEU D 39 -20.51 27.06 10.63
C LEU D 39 -19.62 26.50 9.53
N ALA D 40 -20.14 26.39 8.30
CA ALA D 40 -19.31 25.88 7.21
C ALA D 40 -18.08 26.75 7.01
N GLY D 41 -18.24 28.08 7.11
CA GLY D 41 -17.09 28.95 7.02
C GLY D 41 -16.13 28.77 8.18
N GLU D 42 -16.67 28.50 9.38
CA GLU D 42 -15.80 28.23 10.52
C GLU D 42 -15.04 26.92 10.34
N LEU D 43 -15.75 25.87 9.92
CA LEU D 43 -15.10 24.58 9.70
C LEU D 43 -13.95 24.70 8.70
N ALA D 44 -14.11 25.55 7.68
CA ALA D 44 -13.05 25.71 6.69
C ALA D 44 -11.85 26.43 7.28
N GLU D 45 -12.09 27.45 8.11
CA GLU D 45 -10.98 28.19 8.70
C GLU D 45 -10.15 27.31 9.62
N TRP D 46 -10.81 26.48 10.42
CA TRP D 46 -10.10 25.67 11.40
C TRP D 46 -9.45 24.45 10.77
N GLN D 47 -10.05 23.89 9.71
CA GLN D 47 -9.39 22.80 9.00
C GLN D 47 -8.10 23.28 8.33
N GLU D 48 -8.08 24.53 7.85
CA GLU D 48 -6.85 25.07 7.28
C GLU D 48 -5.76 25.15 8.34
N ARG D 49 -6.09 25.64 9.53
CA ARG D 49 -5.13 25.67 10.63
C ARG D 49 -4.61 24.26 10.94
N LEU D 50 -5.52 23.29 11.01
CA LEU D 50 -5.11 21.91 11.28
C LEU D 50 -4.08 21.45 10.26
N TYR D 51 -4.30 21.76 8.99
CA TYR D 51 -3.39 21.32 7.94
C TYR D 51 -2.08 22.12 7.98
N ALA D 52 -2.16 23.41 8.24
CA ALA D 52 -0.96 24.23 8.30
C ALA D 52 -0.06 23.82 9.47
N GLU D 53 -0.66 23.45 10.61
CA GLU D 53 0.12 23.07 11.77
C GLU D 53 0.83 21.74 11.56
N GLY D 54 0.14 20.76 11.00
CA GLY D 54 0.75 19.47 10.71
C GLY D 54 1.17 18.70 11.94
N LYS D 55 0.49 18.88 13.07
CA LYS D 55 0.77 18.12 14.29
C LYS D 55 -0.36 17.16 14.68
N GLN D 56 -1.60 17.48 14.38
CA GLN D 56 -2.75 16.70 14.83
C GLN D 56 -3.57 16.21 13.64
N SER D 57 -4.61 15.43 13.96
CA SER D 57 -5.55 14.95 12.96
C SER D 57 -6.88 14.70 13.63
N LEU D 58 -7.93 14.60 12.80
CA LEU D 58 -9.29 14.38 13.28
C LEU D 58 -9.87 13.19 12.54
N LEU D 59 -10.39 12.21 13.28
CA LEU D 59 -10.98 11.01 12.70
C LEU D 59 -12.45 10.96 13.07
N LEU D 60 -13.31 11.12 12.07
CA LEU D 60 -14.76 11.00 12.22
C LEU D 60 -15.18 9.61 11.75
N ILE D 61 -15.87 8.88 12.61
CA ILE D 61 -16.35 7.55 12.30
C ILE D 61 -17.87 7.62 12.22
N LEU D 62 -18.39 7.39 11.02
CA LEU D 62 -19.83 7.42 10.77
C LEU D 62 -20.36 5.99 10.76
N GLN D 63 -21.34 5.73 11.63
CA GLN D 63 -22.05 4.45 11.66
C GLN D 63 -23.53 4.74 11.66
N ALA D 64 -24.27 4.08 10.77
CA ALA D 64 -25.71 4.31 10.69
C ALA D 64 -26.31 3.27 9.76
N ARG D 65 -27.62 3.19 9.78
CA ARG D 65 -28.37 2.25 8.97
C ARG D 65 -28.69 2.87 7.61
N ASP D 66 -29.21 2.03 6.72
CA ASP D 66 -29.45 2.48 5.35
C ASP D 66 -30.39 3.68 5.33
N ALA D 67 -30.05 4.67 4.51
CA ALA D 67 -30.82 5.89 4.33
C ALA D 67 -30.85 6.77 5.57
N ALA D 68 -29.93 6.55 6.51
CA ALA D 68 -29.88 7.37 7.71
C ALA D 68 -29.23 8.73 7.45
N GLY D 69 -28.38 8.84 6.43
CA GLY D 69 -27.88 10.13 6.00
C GLY D 69 -26.38 10.33 6.14
N LYS D 70 -25.61 9.24 6.15
CA LYS D 70 -24.16 9.41 6.28
C LYS D 70 -23.54 9.93 4.99
N ASP D 71 -23.98 9.40 3.84
CA ASP D 71 -23.51 9.96 2.57
C ASP D 71 -23.95 11.41 2.42
N GLY D 72 -25.17 11.73 2.85
CA GLY D 72 -25.64 13.10 2.78
C GLY D 72 -24.98 14.00 3.80
N ALA D 73 -24.58 13.44 4.94
CA ALA D 73 -23.84 14.22 5.94
C ALA D 73 -22.44 14.56 5.44
N VAL D 74 -21.79 13.60 4.77
CA VAL D 74 -20.46 13.84 4.22
C VAL D 74 -20.52 14.93 3.14
N LYS D 75 -21.54 14.87 2.28
CA LYS D 75 -21.59 15.80 1.16
C LYS D 75 -21.79 17.24 1.64
N LYS D 76 -22.55 17.43 2.72
CA LYS D 76 -22.86 18.77 3.21
C LYS D 76 -21.84 19.29 4.22
N VAL D 77 -21.59 18.52 5.28
CA VAL D 77 -20.74 19.01 6.35
C VAL D 77 -19.27 18.83 6.00
N ILE D 78 -18.87 17.61 5.62
CA ILE D 78 -17.49 17.37 5.24
C ILE D 78 -17.12 18.11 3.98
N GLY D 79 -18.10 18.49 3.16
CA GLY D 79 -17.83 19.28 1.98
C GLY D 79 -17.38 20.70 2.26
N ALA D 80 -17.54 21.16 3.51
CA ALA D 80 -17.04 22.48 3.87
C ALA D 80 -15.52 22.50 3.98
N PHE D 81 -14.89 21.35 4.16
CA PHE D 81 -13.45 21.26 4.28
C PHE D 81 -12.79 21.35 2.90
N ASN D 82 -11.54 21.79 2.89
CA ASN D 82 -10.73 21.73 1.69
C ASN D 82 -10.45 20.26 1.34
N PRO D 83 -10.90 19.77 0.19
CA PRO D 83 -10.73 18.33 -0.08
C PRO D 83 -9.28 17.85 -0.05
N ALA D 84 -8.32 18.75 -0.17
CA ALA D 84 -6.92 18.36 -0.11
C ALA D 84 -6.45 18.06 1.30
N GLY D 85 -7.25 18.36 2.30
CA GLY D 85 -6.92 18.04 3.68
C GLY D 85 -7.88 17.03 4.29
N VAL D 86 -8.48 16.19 3.46
CA VAL D 86 -9.49 15.23 3.89
C VAL D 86 -9.23 13.90 3.20
N GLN D 87 -9.48 12.81 3.93
CA GLN D 87 -9.40 11.46 3.38
C GLN D 87 -10.62 10.68 3.84
N ILE D 88 -11.43 10.23 2.89
CA ILE D 88 -12.70 9.55 3.17
C ILE D 88 -12.60 8.11 2.69
N THR D 89 -12.90 7.18 3.59
CA THR D 89 -12.88 5.75 3.29
C THR D 89 -14.24 5.17 3.62
N SER D 90 -14.84 4.49 2.65
CA SER D 90 -16.11 3.79 2.85
C SER D 90 -15.81 2.29 2.82
N PHE D 91 -15.82 1.66 3.99
CA PHE D 91 -15.43 0.26 4.11
C PHE D 91 -16.57 -0.64 3.66
N LYS D 92 -16.33 -1.40 2.60
CA LYS D 92 -17.29 -2.36 2.07
C LYS D 92 -16.99 -3.74 2.65
N GLN D 93 -17.46 -4.80 1.98
CA GLN D 93 -17.19 -6.14 2.45
C GLN D 93 -15.69 -6.41 2.41
N PRO D 94 -15.12 -7.04 3.44
CA PRO D 94 -13.69 -7.34 3.40
C PRO D 94 -13.33 -8.17 2.18
N SER D 95 -12.27 -7.76 1.50
CA SER D 95 -11.74 -8.54 0.39
C SER D 95 -11.01 -9.77 0.92
N ALA D 96 -10.51 -10.59 -0.02
CA ALA D 96 -9.81 -11.80 0.36
C ALA D 96 -8.52 -11.49 1.12
N GLU D 97 -7.72 -10.58 0.60
CA GLU D 97 -6.48 -10.22 1.27
C GLU D 97 -6.75 -9.61 2.64
N GLU D 98 -7.82 -8.81 2.74
CA GLU D 98 -8.16 -8.19 4.02
C GLU D 98 -8.60 -9.23 5.04
N LEU D 99 -9.35 -10.24 4.61
CA LEU D 99 -9.77 -11.30 5.53
C LEU D 99 -8.60 -12.15 5.99
N SER D 100 -7.51 -12.22 5.22
CA SER D 100 -6.33 -12.95 5.62
C SER D 100 -5.50 -12.21 6.65
N HIS D 101 -5.98 -11.08 7.16
CA HIS D 101 -5.33 -10.33 8.22
C HIS D 101 -6.34 -10.09 9.33
N ASP D 102 -5.85 -9.64 10.48
CA ASP D 102 -6.76 -9.25 11.55
C ASP D 102 -7.73 -8.19 11.04
N PHE D 103 -8.87 -8.08 11.72
CA PHE D 103 -9.94 -7.22 11.22
C PHE D 103 -9.58 -5.74 11.28
N LEU D 104 -8.57 -5.35 12.07
CA LEU D 104 -8.14 -3.97 12.13
C LEU D 104 -7.01 -3.66 11.17
N TRP D 105 -6.51 -4.66 10.44
CA TRP D 105 -5.40 -4.44 9.52
C TRP D 105 -5.78 -3.42 8.45
N ARG D 106 -6.95 -3.60 7.83
CA ARG D 106 -7.38 -2.67 6.79
C ARG D 106 -7.78 -1.33 7.39
N ILE D 107 -8.26 -1.32 8.63
CA ILE D 107 -8.67 -0.08 9.27
C ILE D 107 -7.45 0.78 9.58
N HIS D 108 -6.42 0.17 10.18
CA HIS D 108 -5.23 0.94 10.57
C HIS D 108 -4.56 1.59 9.37
N GLN D 109 -4.61 0.95 8.20
CA GLN D 109 -3.96 1.53 7.02
C GLN D 109 -4.55 2.89 6.67
N LYS D 110 -5.83 3.09 6.95
CA LYS D 110 -6.53 4.32 6.58
C LYS D 110 -6.59 5.33 7.72
N ALA D 111 -5.89 5.07 8.82
CA ALA D 111 -5.80 6.07 9.87
C ALA D 111 -5.22 7.36 9.29
N PRO D 112 -5.73 8.53 9.70
CA PRO D 112 -5.32 9.76 9.03
C PRO D 112 -3.91 10.20 9.42
N ALA D 113 -3.24 10.87 8.49
CA ALA D 113 -1.91 11.40 8.72
C ALA D 113 -2.00 12.77 9.39
N LYS D 114 -0.87 13.18 9.98
CA LYS D 114 -0.83 14.47 10.66
C LYS D 114 -1.30 15.59 9.74
N GLY D 115 -2.14 16.47 10.29
CA GLY D 115 -2.67 17.60 9.56
C GLY D 115 -3.94 17.33 8.80
N TYR D 116 -4.42 16.08 8.78
CA TYR D 116 -5.52 15.68 7.92
C TYR D 116 -6.78 15.41 8.74
N VAL D 117 -7.92 15.52 8.06
CA VAL D 117 -9.22 15.06 8.56
C VAL D 117 -9.54 13.73 7.90
N GLY D 118 -9.83 12.72 8.70
CA GLY D 118 -10.19 11.40 8.21
C GLY D 118 -11.63 11.07 8.55
N VAL D 119 -12.32 10.39 7.64
CA VAL D 119 -13.71 10.01 7.82
C VAL D 119 -13.87 8.53 7.48
N PHE D 120 -14.46 7.77 8.40
CA PHE D 120 -14.73 6.36 8.19
C PHE D 120 -16.24 6.18 8.04
N ASN D 121 -16.70 6.18 6.80
CA ASN D 121 -18.08 5.83 6.48
C ASN D 121 -18.19 4.31 6.58
N ARG D 122 -18.81 3.83 7.66
CA ARG D 122 -18.64 2.45 8.11
C ARG D 122 -17.19 2.28 8.54
N SER D 123 -16.94 1.53 9.61
CA SER D 123 -15.64 1.53 10.25
C SER D 123 -15.40 0.18 10.89
N GLN D 124 -14.45 0.12 11.83
CA GLN D 124 -14.12 -1.11 12.52
C GLN D 124 -15.31 -1.67 13.30
N TYR D 125 -16.31 -0.84 13.59
CA TYR D 125 -17.47 -1.33 14.33
C TYR D 125 -18.35 -2.23 13.48
N GLU D 126 -18.21 -2.18 12.16
CA GLU D 126 -18.92 -3.15 11.31
C GLU D 126 -18.57 -4.58 11.72
N ASP D 127 -17.35 -4.80 12.20
CA ASP D 127 -16.89 -6.13 12.57
C ASP D 127 -17.45 -6.60 13.91
N VAL D 128 -18.32 -5.81 14.56
CA VAL D 128 -19.01 -6.25 15.77
C VAL D 128 -20.48 -5.86 15.68
N LEU D 129 -20.93 -5.51 14.47
CA LEU D 129 -22.34 -5.19 14.24
C LEU D 129 -22.96 -6.22 13.31
N VAL D 130 -22.75 -6.04 12.00
CA VAL D 130 -23.34 -6.96 11.04
C VAL D 130 -22.79 -8.37 11.25
N THR D 131 -21.56 -8.50 11.76
CA THR D 131 -20.99 -9.82 11.99
C THR D 131 -21.68 -10.56 13.13
N ARG D 132 -22.32 -9.84 14.05
CA ARG D 132 -23.06 -10.48 15.13
C ARG D 132 -24.50 -10.78 14.75
N VAL D 133 -25.16 -9.83 14.06
CA VAL D 133 -26.57 -10.02 13.71
C VAL D 133 -26.76 -11.29 12.91
N TYR D 134 -25.78 -11.66 12.08
CA TYR D 134 -25.87 -12.84 11.24
C TYR D 134 -24.93 -13.95 11.71
N ASP D 135 -24.51 -13.89 12.97
CA ASP D 135 -23.82 -15.00 13.63
C ASP D 135 -22.61 -15.48 12.84
N MET D 136 -21.88 -14.54 12.25
CA MET D 136 -20.57 -14.86 11.70
C MET D 136 -19.52 -14.98 12.80
N ILE D 137 -19.72 -14.26 13.91
CA ILE D 137 -18.86 -14.35 15.08
C ILE D 137 -19.74 -14.48 16.31
N ASP D 138 -19.17 -15.07 17.36
CA ASP D 138 -19.90 -15.29 18.60
C ASP D 138 -19.67 -14.14 19.57
N ASP D 139 -20.49 -14.13 20.64
CA ASP D 139 -20.39 -13.07 21.64
C ASP D 139 -19.00 -13.00 22.25
N LYS D 140 -18.41 -14.17 22.55
CA LYS D 140 -17.04 -14.21 23.06
C LYS D 140 -16.10 -13.45 22.14
N THR D 141 -16.16 -13.74 20.84
CA THR D 141 -15.29 -13.06 19.89
C THR D 141 -15.62 -11.58 19.79
N ALA D 142 -16.91 -11.23 19.83
CA ALA D 142 -17.30 -9.83 19.68
C ALA D 142 -16.75 -8.98 20.82
N LYS D 143 -16.92 -9.44 22.06
CA LYS D 143 -16.41 -8.66 23.19
C LYS D 143 -14.91 -8.47 23.10
N ARG D 144 -14.19 -9.52 22.68
CA ARG D 144 -12.74 -9.39 22.52
C ARG D 144 -12.41 -8.41 21.41
N ARG D 145 -13.20 -8.40 20.33
CA ARG D 145 -12.96 -7.42 19.27
C ARG D 145 -13.22 -6.01 19.77
N LEU D 146 -14.22 -5.82 20.64
CA LEU D 146 -14.48 -4.49 21.18
C LEU D 146 -13.31 -4.02 22.03
N GLU D 147 -12.68 -4.91 22.79
CA GLU D 147 -11.50 -4.54 23.56
C GLU D 147 -10.36 -4.14 22.64
N HIS D 148 -10.19 -4.87 21.53
CA HIS D 148 -9.17 -4.49 20.56
C HIS D 148 -9.47 -3.13 19.94
N ILE D 149 -10.75 -2.80 19.77
CA ILE D 149 -11.10 -1.53 19.15
C ILE D 149 -10.74 -0.37 20.08
N ARG D 150 -10.99 -0.54 21.38
CA ARG D 150 -10.60 0.49 22.35
C ARG D 150 -9.08 0.71 22.30
N HIS D 151 -8.31 -0.37 22.42
CA HIS D 151 -6.86 -0.27 22.35
C HIS D 151 -6.41 0.41 21.07
N PHE D 152 -7.10 0.12 19.96
CA PHE D 152 -6.78 0.78 18.70
C PHE D 152 -7.05 2.28 18.78
N GLU D 153 -8.21 2.65 19.30
CA GLU D 153 -8.56 4.07 19.43
C GLU D 153 -7.65 4.77 20.43
N GLU D 154 -7.15 4.04 21.44
CA GLU D 154 -6.20 4.61 22.38
C GLU D 154 -4.87 4.90 21.71
N LEU D 155 -4.41 3.99 20.84
CA LEU D 155 -3.17 4.21 20.10
C LEU D 155 -3.24 5.52 19.31
N LEU D 156 -4.32 5.71 18.54
CA LEU D 156 -4.44 6.91 17.73
C LEU D 156 -4.55 8.17 18.60
N THR D 157 -5.18 8.05 19.77
CA THR D 157 -5.30 9.21 20.65
C THR D 157 -3.93 9.69 21.11
N ASP D 158 -3.07 8.76 21.52
CA ASP D 158 -1.70 9.11 21.87
C ASP D 158 -0.89 9.58 20.67
N ASN D 159 -1.37 9.37 19.45
CA ASN D 159 -0.74 9.86 18.24
C ASN D 159 -1.26 11.22 17.83
N ALA D 160 -2.04 11.87 18.68
CA ALA D 160 -2.64 13.18 18.43
C ALA D 160 -3.81 13.12 17.45
N THR D 161 -4.38 11.94 17.24
CA THR D 161 -5.58 11.79 16.40
C THR D 161 -6.81 11.94 17.30
N ARG D 162 -7.56 13.02 17.10
CA ARG D 162 -8.76 13.27 17.88
C ARG D 162 -9.89 12.43 17.30
N ILE D 163 -10.37 11.46 18.07
CA ILE D 163 -11.38 10.52 17.60
C ILE D 163 -12.77 11.05 17.94
N VAL D 164 -13.68 11.00 16.97
CA VAL D 164 -15.08 11.36 17.17
C VAL D 164 -15.93 10.34 16.44
N LYS D 165 -16.79 9.64 17.19
CA LYS D 165 -17.66 8.61 16.65
C LYS D 165 -19.10 9.09 16.71
N VAL D 166 -19.80 9.02 15.57
CA VAL D 166 -21.14 9.56 15.44
C VAL D 166 -22.06 8.47 14.92
N TYR D 167 -23.17 8.25 15.63
CA TYR D 167 -24.24 7.36 15.21
C TYR D 167 -25.43 8.20 14.79
N LEU D 168 -25.89 8.01 13.56
CA LEU D 168 -27.05 8.72 13.04
C LEU D 168 -28.30 7.92 13.42
N HIS D 169 -29.18 8.55 14.20
CA HIS D 169 -30.28 7.88 14.88
C HIS D 169 -31.60 8.31 14.23
N ILE D 170 -32.22 7.40 13.49
CA ILE D 170 -33.48 7.66 12.82
C ILE D 170 -34.47 6.56 13.20
N SER D 171 -35.76 6.88 13.01
CA SER D 171 -36.84 5.96 13.34
C SER D 171 -37.12 5.01 12.18
N PRO D 172 -37.80 3.90 12.45
CA PRO D 172 -38.13 2.98 11.35
C PRO D 172 -39.09 3.59 10.34
N GLU D 173 -40.06 4.38 10.80
CA GLU D 173 -41.01 4.99 9.87
C GLU D 173 -40.32 5.97 8.94
N GLU D 174 -39.37 6.75 9.47
CA GLU D 174 -38.63 7.69 8.64
C GLU D 174 -37.84 6.94 7.56
N GLN D 175 -37.09 5.91 7.95
CA GLN D 175 -36.38 5.10 6.97
C GLN D 175 -37.32 4.58 5.90
N LYS D 176 -38.50 4.09 6.32
CA LYS D 176 -39.46 3.56 5.35
C LYS D 176 -39.81 4.60 4.30
N GLU D 177 -40.09 5.84 4.74
CA GLU D 177 -40.39 6.90 3.79
C GLU D 177 -39.19 7.17 2.88
N ARG D 178 -37.99 7.21 3.44
CA ARG D 178 -36.80 7.48 2.63
C ARG D 178 -36.54 6.34 1.65
N LEU D 179 -36.66 5.09 2.12
CA LEU D 179 -36.46 3.96 1.22
C LEU D 179 -37.52 3.94 0.13
N GLN D 180 -38.79 4.14 0.49
CA GLN D 180 -39.83 4.25 -0.52
C GLN D 180 -39.55 5.40 -1.48
N ALA D 181 -38.93 6.48 -0.98
CA ALA D 181 -38.60 7.60 -1.84
C ALA D 181 -37.57 7.22 -2.90
N ARG D 182 -36.62 6.35 -2.55
CA ARG D 182 -35.67 5.87 -3.54
C ARG D 182 -36.37 5.05 -4.62
N LEU D 183 -37.36 4.25 -4.23
CA LEU D 183 -38.10 3.44 -5.18
C LEU D 183 -39.05 4.30 -6.02
N ASP D 184 -39.48 5.44 -5.48
CA ASP D 184 -40.47 6.26 -6.19
C ASP D 184 -39.82 7.10 -7.28
N ASN D 185 -38.64 7.67 -7.00
CA ASN D 185 -38.04 8.60 -7.95
C ASN D 185 -37.18 7.83 -8.96
N PRO D 186 -37.37 8.04 -10.27
CA PRO D 186 -36.54 7.31 -11.24
C PRO D 186 -35.06 7.65 -11.16
N GLY D 187 -34.70 8.80 -10.58
CA GLY D 187 -33.30 9.19 -10.55
C GLY D 187 -32.50 8.57 -9.43
N LYS D 188 -33.16 8.04 -8.41
CA LYS D 188 -32.49 7.41 -7.28
C LYS D 188 -32.49 5.88 -7.38
N HIS D 189 -32.97 5.32 -8.48
CA HIS D 189 -32.96 3.89 -8.69
C HIS D 189 -31.54 3.32 -8.71
N TRP D 190 -30.77 3.50 -7.64
CA TRP D 190 -29.41 2.98 -7.66
C TRP D 190 -28.73 3.00 -6.28
N LYS D 191 -29.33 3.67 -5.30
CA LYS D 191 -28.87 3.57 -3.92
C LYS D 191 -29.64 2.53 -3.13
N PHE D 192 -30.60 1.85 -3.75
CA PHE D 192 -31.42 0.82 -3.12
C PHE D 192 -31.03 -0.54 -3.68
N ASN D 193 -30.89 -1.53 -2.79
CA ASN D 193 -30.63 -2.89 -3.20
C ASN D 193 -31.36 -3.86 -2.27
N PRO D 194 -31.99 -4.91 -2.82
CA PRO D 194 -32.53 -5.96 -1.94
C PRO D 194 -31.45 -6.51 -1.01
N GLY D 195 -31.41 -5.96 0.20
CA GLY D 195 -30.38 -6.28 1.17
C GLY D 195 -30.41 -5.26 2.28
N ASP D 196 -30.69 -4.01 1.90
CA ASP D 196 -31.10 -3.01 2.88
C ASP D 196 -32.33 -3.49 3.65
N LEU D 197 -33.23 -4.19 2.95
CA LEU D 197 -34.44 -4.69 3.58
C LEU D 197 -34.15 -5.83 4.54
N LYS D 198 -33.11 -6.61 4.28
CA LYS D 198 -32.75 -7.70 5.19
C LYS D 198 -32.34 -7.14 6.55
N ASP D 199 -31.42 -6.18 6.56
CA ASP D 199 -30.99 -5.56 7.81
C ASP D 199 -32.15 -4.86 8.51
N ARG D 200 -33.07 -4.27 7.75
CA ARG D 200 -34.21 -3.61 8.37
C ARG D 200 -35.06 -4.59 9.17
N SER D 201 -35.28 -5.79 8.63
CA SER D 201 -36.06 -6.79 9.35
C SER D 201 -35.38 -7.22 10.65
N ASN D 202 -34.09 -6.95 10.80
CA ASN D 202 -33.35 -7.22 12.03
C ASN D 202 -33.13 -5.95 12.85
N TRP D 203 -34.10 -5.02 12.82
CA TRP D 203 -33.95 -3.74 13.51
C TRP D 203 -33.62 -3.94 14.99
N ASP D 204 -34.33 -4.83 15.66
CA ASP D 204 -34.17 -4.97 17.11
C ASP D 204 -32.81 -5.52 17.47
N LYS D 205 -32.27 -6.44 16.66
CA LYS D 205 -30.94 -6.98 16.95
C LYS D 205 -29.86 -5.93 16.70
N PHE D 206 -30.03 -5.08 15.69
CA PHE D 206 -29.08 -4.00 15.47
C PHE D 206 -29.13 -2.98 16.60
N ASN D 207 -30.31 -2.77 17.19
CA ASN D 207 -30.38 -1.95 18.40
C ASN D 207 -29.44 -2.50 19.47
N ASP D 208 -29.46 -3.82 19.67
CA ASP D 208 -28.67 -4.43 20.75
C ASP D 208 -27.18 -4.32 20.47
N VAL D 209 -26.75 -4.70 19.26
CA VAL D 209 -25.33 -4.70 18.96
C VAL D 209 -24.77 -3.28 18.91
N TYR D 210 -25.56 -2.32 18.43
CA TYR D 210 -25.12 -0.94 18.49
C TYR D 210 -24.96 -0.48 19.93
N GLU D 211 -25.91 -0.83 20.80
CA GLU D 211 -25.79 -0.49 22.21
C GLU D 211 -24.52 -1.07 22.82
N ASP D 212 -24.09 -2.24 22.35
CA ASP D 212 -22.81 -2.79 22.78
C ASP D 212 -21.65 -1.97 22.20
N ALA D 213 -21.72 -1.66 20.91
CA ALA D 213 -20.67 -0.89 20.28
C ALA D 213 -20.47 0.46 20.97
N LEU D 214 -21.57 1.07 21.43
CA LEU D 214 -21.50 2.39 22.03
C LEU D 214 -20.82 2.41 23.40
N THR D 215 -20.56 1.24 24.00
CA THR D 215 -19.87 1.22 25.29
C THR D 215 -18.40 1.60 25.17
N THR D 216 -17.89 1.79 23.95
CA THR D 216 -16.52 2.28 23.77
C THR D 216 -16.42 3.78 23.95
N SER D 217 -17.51 4.45 24.31
CA SER D 217 -17.51 5.90 24.46
C SER D 217 -16.70 6.30 25.69
N THR D 218 -15.64 7.07 25.47
CA THR D 218 -14.79 7.58 26.53
C THR D 218 -14.69 9.09 26.40
N ASP D 219 -13.99 9.72 27.35
CA ASP D 219 -13.74 11.15 27.24
C ASP D 219 -12.87 11.46 26.03
N ASP D 220 -11.86 10.62 25.77
CA ASP D 220 -10.96 10.87 24.65
C ASP D 220 -11.55 10.41 23.32
N ALA D 221 -12.45 9.43 23.33
CA ALA D 221 -13.03 8.86 22.10
C ALA D 221 -14.52 8.66 22.27
N PRO D 222 -15.30 9.74 22.18
CA PRO D 222 -16.73 9.67 22.49
C PRO D 222 -17.61 9.26 21.32
N TRP D 223 -18.73 8.62 21.67
CA TRP D 223 -19.82 8.38 20.74
C TRP D 223 -20.87 9.47 20.90
N TYR D 224 -21.48 9.87 19.79
CA TYR D 224 -22.60 10.81 19.78
C TYR D 224 -23.80 10.17 19.10
N VAL D 225 -24.95 10.24 19.75
CA VAL D 225 -26.23 9.81 19.18
C VAL D 225 -26.92 11.07 18.66
N VAL D 226 -26.99 11.21 17.35
CA VAL D 226 -27.48 12.43 16.71
C VAL D 226 -28.88 12.16 16.17
N PRO D 227 -29.92 12.87 16.63
CA PRO D 227 -31.24 12.72 16.02
C PRO D 227 -31.25 13.15 14.56
N ALA D 228 -31.45 12.21 13.64
CA ALA D 228 -31.23 12.45 12.22
C ALA D 228 -32.49 12.38 11.39
N ASP D 229 -33.68 12.34 12.01
CA ASP D 229 -34.91 12.33 11.22
C ASP D 229 -35.02 13.58 10.37
N ARG D 230 -34.58 14.72 10.90
CA ARG D 230 -34.50 15.96 10.12
C ARG D 230 -33.09 16.09 9.57
N LYS D 231 -32.96 15.94 8.25
CA LYS D 231 -31.63 15.98 7.64
C LYS D 231 -30.90 17.28 7.98
N TRP D 232 -31.63 18.40 8.03
CA TRP D 232 -30.98 19.66 8.34
C TRP D 232 -30.48 19.69 9.78
N TYR D 233 -31.15 18.99 10.69
CA TYR D 233 -30.67 18.93 12.07
C TYR D 233 -29.45 18.04 12.19
N ARG D 234 -29.45 16.91 11.48
CA ARG D 234 -28.25 16.08 11.38
C ARG D 234 -27.05 16.92 10.96
N ASP D 235 -27.18 17.67 9.86
CA ASP D 235 -26.06 18.48 9.39
C ASP D 235 -25.64 19.51 10.43
N LEU D 236 -26.60 20.18 11.05
CA LEU D 236 -26.27 21.24 12.00
C LEU D 236 -25.53 20.66 13.20
N VAL D 237 -26.03 19.56 13.76
CA VAL D 237 -25.40 18.99 14.94
C VAL D 237 -24.02 18.44 14.60
N LEU D 238 -23.87 17.82 13.43
CA LEU D 238 -22.56 17.31 13.04
C LEU D 238 -21.58 18.46 12.83
N SER D 239 -22.05 19.58 12.29
CA SER D 239 -21.19 20.75 12.16
C SER D 239 -20.68 21.21 13.53
N HIS D 240 -21.57 21.26 14.53
CA HIS D 240 -21.16 21.66 15.86
C HIS D 240 -20.17 20.68 16.46
N ILE D 241 -20.37 19.38 16.21
CA ILE D 241 -19.50 18.38 16.80
C ILE D 241 -18.08 18.51 16.26
N LEU D 242 -17.95 18.66 14.94
CA LEU D 242 -16.62 18.72 14.34
C LEU D 242 -15.93 20.04 14.62
N LEU D 243 -16.69 21.15 14.62
CA LEU D 243 -16.07 22.45 14.87
C LEU D 243 -15.57 22.54 16.31
N GLY D 244 -16.39 22.11 17.27
CA GLY D 244 -15.95 22.12 18.66
C GLY D 244 -14.72 21.27 18.87
N ALA D 245 -14.63 20.15 18.16
CA ALA D 245 -13.43 19.31 18.26
C ALA D 245 -12.21 20.06 17.72
N LEU D 246 -12.35 20.68 16.55
CA LEU D 246 -11.23 21.42 15.97
C LEU D 246 -10.82 22.58 16.87
N LYS D 247 -11.80 23.28 17.45
CA LYS D 247 -11.48 24.40 18.34
C LYS D 247 -10.74 23.91 19.58
N ASP D 248 -11.17 22.78 20.15
CA ASP D 248 -10.46 22.23 21.30
C ASP D 248 -9.05 21.77 20.90
N MET D 249 -8.91 21.20 19.70
CA MET D 249 -7.59 20.85 19.21
C MET D 249 -6.73 22.11 19.04
N ASN D 250 -7.36 23.25 18.79
CA ASN D 250 -6.70 24.55 18.83
C ASN D 250 -5.41 24.57 18.01
N PRO D 251 -5.47 24.17 16.74
CA PRO D 251 -4.25 24.17 15.92
C PRO D 251 -3.72 25.58 15.73
N GLN D 252 -2.39 25.71 15.79
CA GLN D 252 -1.70 26.97 15.59
C GLN D 252 -0.88 26.90 14.30
N PHE D 253 -0.76 28.04 13.62
CA PHE D 253 0.03 28.08 12.41
C PHE D 253 1.50 27.79 12.75
N PRO D 254 2.26 27.25 11.79
CA PRO D 254 3.61 26.80 12.10
C PRO D 254 4.60 27.94 12.18
N ALA D 255 5.69 27.68 12.90
CA ALA D 255 6.76 28.66 13.01
C ALA D 255 7.54 28.74 11.71
N ILE D 256 8.41 29.76 11.62
CA ILE D 256 9.27 29.97 10.47
C ILE D 256 10.71 30.05 10.96
N ASP D 257 11.63 29.74 10.04
CA ASP D 257 13.06 29.74 10.34
C ASP D 257 13.80 30.78 9.52
N TYR D 258 13.16 31.94 9.30
CA TYR D 258 13.77 33.03 8.57
C TYR D 258 13.21 34.35 9.07
N ASP D 259 13.98 35.42 8.81
CA ASP D 259 13.57 36.77 9.16
C ASP D 259 12.90 37.40 7.95
N PRO D 260 11.59 37.63 7.96
CA PRO D 260 10.94 38.21 6.76
C PRO D 260 11.45 39.59 6.40
N SER D 261 11.98 40.35 7.36
CA SER D 261 12.43 41.70 7.06
C SER D 261 13.74 41.71 6.28
N LYS D 262 14.54 40.64 6.41
CA LYS D 262 15.82 40.55 5.74
C LYS D 262 15.74 39.88 4.37
N VAL D 263 14.55 39.50 3.92
CA VAL D 263 14.38 38.81 2.65
C VAL D 263 14.22 39.83 1.54
N VAL D 264 15.01 39.68 0.48
CA VAL D 264 14.94 40.55 -0.69
C VAL D 264 14.57 39.67 -1.88
N ILE D 265 13.38 39.89 -2.43
CA ILE D 265 12.93 39.15 -3.60
C ILE D 265 13.52 39.81 -4.85
N HIS D 266 14.26 39.04 -5.63
CA HIS D 266 14.81 39.50 -6.90
C HIS D 266 13.92 39.04 -8.06
#